data_5BK6
#
_entry.id   5BK6
#
_cell.length_a   62.130
_cell.length_b   122.678
_cell.length_c   135.745
_cell.angle_alpha   90.00
_cell.angle_beta   90.00
_cell.angle_gamma   90.00
#
_symmetry.space_group_name_H-M   'P 2 21 21'
#
loop_
_entity.id
_entity.type
_entity.pdbx_description
1 polymer 'Putative amidase'
2 non-polymer 2-[BIS-(2-HYDROXY-ETHYL)-AMINO]-2-HYDROXYMETHYL-PROPANE-1,3-DIOL
3 non-polymer GLYCEROL
4 water water
#
_entity_poly.entity_id   1
_entity_poly.type   'polypeptide(L)'
_entity_poly.pdbx_seq_one_letter_code
;MGSSHHHHHHSSGLVPRGSHMDAMVETNRHFIDADPYPWPYNGALRPDNTALIIIDMQTDFCGKGGYVDHMGYDLSLVQA
PIEPIKRVLAAMRAKGYHIIHTREGHRPDLADLPANKRWRSQRIGAGIGDPGPCGRILTRGEPGWDIIPELYPIEGETII
DHPGKGSFCATDLELVLNQKRIENIILTGITTDVCVSTTMREANDRGYECLLLEDCCGATDYGNHLAAIKMVKMQGGVFG
SVSNSAALVEALPGLVPRGSIE
;
_entity_poly.pdbx_strand_id   A,B,C,D
#
loop_
_chem_comp.id
_chem_comp.type
_chem_comp.name
_chem_comp.formula
BTB non-polymer 2-[BIS-(2-HYDROXY-ETHYL)-AMINO]-2-HYDROXYMETHYL-PROPANE-1,3-DIOL 'C8 H19 N O5'
GOL non-polymer GLYCEROL 'C3 H8 O3'
#
# COMPACT_ATOMS: atom_id res chain seq x y z
N MET A 24 34.42 -27.83 -15.74
CA MET A 24 35.28 -28.04 -14.51
C MET A 24 34.81 -27.13 -13.34
N VAL A 25 35.26 -25.86 -13.35
CA VAL A 25 34.86 -24.88 -12.31
C VAL A 25 33.35 -24.66 -12.45
N GLU A 26 32.62 -24.80 -11.37
CA GLU A 26 31.16 -24.60 -11.38
C GLU A 26 30.90 -23.44 -10.43
N THR A 27 29.83 -22.71 -10.75
CA THR A 27 29.40 -21.59 -9.96
C THR A 27 27.91 -21.67 -9.78
N ASN A 28 27.43 -21.15 -8.66
CA ASN A 28 25.96 -21.03 -8.55
C ASN A 28 25.57 -19.62 -8.92
N ARG A 29 26.46 -18.74 -9.40
CA ARG A 29 26.00 -17.44 -9.98
C ARG A 29 25.73 -17.66 -11.44
N HIS A 30 24.60 -17.15 -11.95
CA HIS A 30 24.25 -17.32 -13.34
C HIS A 30 23.65 -16.05 -13.86
N PHE A 31 24.01 -15.69 -15.10
CA PHE A 31 23.54 -14.46 -15.72
C PHE A 31 22.92 -14.75 -17.07
N ILE A 32 21.99 -13.87 -17.47
CA ILE A 32 21.42 -13.76 -18.80
C ILE A 32 22.05 -12.59 -19.48
N ASP A 33 22.52 -12.76 -20.73
CA ASP A 33 23.06 -11.67 -21.46
C ASP A 33 21.90 -10.64 -21.64
N ALA A 34 22.20 -9.40 -21.28
CA ALA A 34 21.16 -8.38 -21.22
C ALA A 34 21.78 -7.01 -21.30
N ASP A 35 20.95 -6.00 -21.55
CA ASP A 35 21.38 -4.65 -21.80
C ASP A 35 20.61 -3.77 -20.82
N PRO A 36 21.25 -3.00 -19.94
CA PRO A 36 22.63 -2.60 -20.05
C PRO A 36 23.60 -3.42 -19.20
N TYR A 37 23.09 -4.40 -18.47
CA TYR A 37 23.98 -5.21 -17.61
C TYR A 37 23.51 -6.63 -17.56
N PRO A 38 24.44 -7.60 -17.31
CA PRO A 38 24.03 -8.99 -17.21
C PRO A 38 23.12 -9.26 -16.05
N TRP A 39 22.06 -10.00 -16.27
CA TRP A 39 20.93 -10.03 -15.33
C TRP A 39 20.76 -11.41 -14.73
N PRO A 40 20.37 -11.52 -13.47
CA PRO A 40 20.17 -10.46 -12.52
C PRO A 40 21.50 -9.85 -12.04
N TYR A 41 21.45 -8.66 -11.46
CA TYR A 41 22.68 -7.91 -11.14
C TYR A 41 23.71 -8.77 -10.37
N ASN A 42 23.22 -9.57 -9.44
CA ASN A 42 24.07 -10.37 -8.55
C ASN A 42 24.22 -11.83 -8.92
N GLY A 43 23.69 -12.23 -10.07
CA GLY A 43 23.71 -13.59 -10.52
C GLY A 43 22.97 -14.61 -9.65
N ALA A 44 22.08 -14.15 -8.78
CA ALA A 44 21.33 -15.07 -7.97
C ALA A 44 20.06 -15.53 -8.64
N LEU A 45 20.21 -16.36 -9.66
CA LEU A 45 19.16 -16.78 -10.56
C LEU A 45 18.81 -18.23 -10.38
N ARG A 46 17.71 -18.50 -9.68
CA ARG A 46 17.27 -19.84 -9.35
C ARG A 46 15.78 -19.99 -9.55
N PRO A 47 15.30 -21.23 -9.78
CA PRO A 47 13.88 -21.44 -9.81
C PRO A 47 13.11 -20.94 -8.58
N ASP A 48 13.68 -21.10 -7.39
CA ASP A 48 12.95 -20.78 -6.17
C ASP A 48 12.81 -19.25 -5.94
N ASN A 49 13.63 -18.44 -6.55
CA ASN A 49 13.59 -16.97 -6.29
C ASN A 49 13.22 -16.14 -7.50
N THR A 50 12.75 -16.77 -8.56
CA THR A 50 12.56 -16.13 -9.85
C THR A 50 11.22 -16.45 -10.42
N ALA A 51 10.49 -15.42 -10.88
CA ALA A 51 9.20 -15.62 -11.49
C ALA A 51 9.15 -15.05 -12.89
N LEU A 52 8.45 -15.74 -13.79
CA LEU A 52 7.98 -15.18 -15.01
C LEU A 52 6.65 -14.54 -14.69
N ILE A 53 6.39 -13.35 -15.23
CA ILE A 53 5.08 -12.73 -15.19
C ILE A 53 4.62 -12.50 -16.64
N ILE A 54 3.45 -13.03 -16.97
CA ILE A 54 2.84 -12.83 -18.29
C ILE A 54 1.66 -11.88 -18.09
N ILE A 55 1.84 -10.68 -18.59
CA ILE A 55 0.93 -9.56 -18.37
C ILE A 55 -0.15 -9.43 -19.43
N ASP A 56 -1.39 -9.66 -18.99
CA ASP A 56 -2.59 -9.20 -19.66
C ASP A 56 -2.75 -9.74 -21.12
N MET A 57 -2.36 -10.99 -21.31
CA MET A 57 -2.56 -11.63 -22.65
C MET A 57 -3.99 -12.15 -22.77
N GLN A 58 -4.89 -11.18 -22.84
CA GLN A 58 -6.34 -11.38 -22.76
C GLN A 58 -6.94 -11.22 -24.16
N THR A 59 -8.00 -11.95 -24.42
CA THR A 59 -8.67 -11.88 -25.71
C THR A 59 -9.06 -10.47 -26.11
N ASP A 60 -9.68 -9.70 -25.26
N ASP A 60 -9.65 -9.69 -25.15
CA ASP A 60 -10.30 -8.48 -25.85
CA ASP A 60 -9.55 -8.11 -24.79
C ASP A 60 -9.11 -7.56 -26.47
C ASP A 60 -8.27 -7.29 -25.17
N PHE A 61 -7.92 -7.69 -25.81
N PHE A 61 -7.06 -7.76 -24.97
CA PHE A 61 -6.72 -6.90 -26.09
CA PHE A 61 -5.92 -7.00 -25.50
C PHE A 61 -5.90 -7.41 -27.26
C PHE A 61 -5.35 -7.56 -26.82
N CYS A 62 -5.75 -8.74 -27.35
CA CYS A 62 -4.95 -9.29 -28.46
C CYS A 62 -5.63 -10.32 -29.37
N GLY A 63 -6.89 -10.61 -29.13
CA GLY A 63 -7.54 -11.77 -29.83
C GLY A 63 -8.43 -11.45 -30.97
N LYS A 64 -8.45 -12.34 -32.00
CA LYS A 64 -9.40 -12.15 -33.13
C LYS A 64 -10.81 -12.16 -32.61
N GLY A 65 -11.59 -11.16 -33.00
CA GLY A 65 -12.98 -11.03 -32.55
C GLY A 65 -13.20 -10.33 -31.24
N GLY A 66 -12.14 -10.08 -30.51
CA GLY A 66 -12.28 -9.24 -29.25
C GLY A 66 -12.59 -7.77 -29.51
N TYR A 67 -12.73 -7.01 -28.45
CA TYR A 67 -13.21 -5.62 -28.64
C TYR A 67 -12.23 -4.77 -29.38
N VAL A 68 -10.94 -4.99 -29.20
CA VAL A 68 -9.94 -4.14 -29.93
C VAL A 68 -10.04 -4.44 -31.42
N ASP A 69 -10.13 -5.73 -31.77
CA ASP A 69 -10.32 -6.14 -33.19
C ASP A 69 -11.57 -5.51 -33.80
N HIS A 70 -12.69 -5.58 -33.07
CA HIS A 70 -13.98 -5.00 -33.55
C HIS A 70 -13.90 -3.49 -33.78
N MET A 71 -13.01 -2.80 -33.09
N MET A 71 -13.01 -2.82 -33.05
CA MET A 71 -12.82 -1.36 -33.39
CA MET A 71 -12.76 -1.42 -33.00
C MET A 71 -12.05 -1.10 -34.70
C MET A 71 -11.49 -0.83 -33.77
N GLY A 72 -11.39 -2.12 -35.22
N GLY A 72 -10.38 -0.54 -33.03
CA GLY A 72 -10.57 -1.91 -36.41
CA GLY A 72 -9.21 0.28 -33.52
C GLY A 72 -9.06 -2.04 -36.24
C GLY A 72 -7.77 -0.23 -33.72
N TYR A 73 -8.42 -1.81 -37.37
N TYR A 73 -7.08 -0.66 -32.68
CA TYR A 73 -7.19 -2.50 -37.89
CA TYR A 73 -5.65 -0.90 -32.83
C TYR A 73 -6.14 -3.39 -37.15
C TYR A 73 -5.27 -2.10 -33.73
N ASP A 74 -5.44 -3.06 -36.04
N ASP A 74 -4.01 -2.13 -34.14
CA ASP A 74 -4.13 -3.77 -35.96
CA ASP A 74 -3.51 -3.16 -35.03
C ASP A 74 -3.45 -4.44 -34.66
C ASP A 74 -3.22 -4.39 -34.24
N LEU A 75 -4.08 -5.53 -34.38
CA LEU A 75 -3.69 -6.65 -33.51
C LEU A 75 -2.36 -7.28 -33.76
N SER A 76 -1.79 -7.19 -34.96
CA SER A 76 -0.55 -7.87 -35.19
C SER A 76 0.59 -7.47 -34.22
N LEU A 77 0.60 -6.24 -33.76
CA LEU A 77 1.69 -5.82 -32.87
C LEU A 77 1.60 -6.47 -31.45
N VAL A 78 0.37 -6.73 -31.03
CA VAL A 78 0.16 -7.37 -29.73
C VAL A 78 0.05 -8.88 -29.82
N GLN A 79 -0.10 -9.43 -31.02
CA GLN A 79 0.01 -10.88 -31.23
C GLN A 79 1.41 -11.36 -31.43
N ALA A 80 2.29 -10.48 -31.91
CA ALA A 80 3.68 -10.85 -32.17
C ALA A 80 4.37 -11.55 -31.00
N PRO A 81 4.11 -11.07 -29.75
CA PRO A 81 4.82 -11.73 -28.64
C PRO A 81 4.26 -13.08 -28.22
N ILE A 82 3.17 -13.58 -28.80
CA ILE A 82 2.58 -14.82 -28.32
C ILE A 82 3.57 -16.00 -28.44
N GLU A 83 4.12 -16.21 -29.65
CA GLU A 83 5.04 -17.37 -29.79
C GLU A 83 6.30 -17.29 -28.92
N PRO A 84 6.96 -16.12 -28.87
CA PRO A 84 8.10 -16.01 -27.93
C PRO A 84 7.72 -16.22 -26.46
N ILE A 85 6.59 -15.69 -26.04
CA ILE A 85 6.14 -15.93 -24.67
C ILE A 85 5.93 -17.43 -24.46
N LYS A 86 5.28 -18.11 -25.44
CA LYS A 86 5.01 -19.51 -25.26
C LYS A 86 6.31 -20.30 -25.06
N ARG A 87 7.37 -19.93 -25.79
N ARG A 87 7.37 -19.93 -25.79
CA ARG A 87 8.67 -20.61 -25.65
CA ARG A 87 8.67 -20.61 -25.65
C ARG A 87 9.28 -20.38 -24.26
C ARG A 87 9.29 -20.38 -24.26
N VAL A 88 9.20 -19.16 -23.78
CA VAL A 88 9.72 -18.84 -22.45
C VAL A 88 8.93 -19.55 -21.36
N LEU A 89 7.61 -19.53 -21.50
CA LEU A 89 6.71 -20.18 -20.57
C LEU A 89 7.01 -21.70 -20.47
N ALA A 90 7.14 -22.33 -21.65
CA ALA A 90 7.43 -23.76 -21.65
C ALA A 90 8.74 -24.08 -20.95
N ALA A 91 9.77 -23.29 -21.23
CA ALA A 91 11.09 -23.49 -20.67
C ALA A 91 11.09 -23.29 -19.17
N MET A 92 10.38 -22.25 -18.71
CA MET A 92 10.37 -21.96 -17.30
C MET A 92 9.50 -22.91 -16.51
N ARG A 93 8.42 -23.40 -17.08
CA ARG A 93 7.62 -24.46 -16.48
C ARG A 93 8.49 -25.70 -16.33
N ALA A 94 9.18 -26.07 -17.39
CA ALA A 94 9.96 -27.33 -17.36
C ALA A 94 11.03 -27.31 -16.29
N LYS A 95 11.60 -26.13 -16.00
CA LYS A 95 12.61 -25.97 -14.99
C LYS A 95 12.11 -25.57 -13.60
N GLY A 96 10.80 -25.52 -13.42
CA GLY A 96 10.15 -25.34 -12.13
C GLY A 96 10.24 -23.93 -11.55
N TYR A 97 10.35 -22.92 -12.42
CA TYR A 97 10.33 -21.51 -12.02
C TYR A 97 8.91 -21.12 -11.64
N HIS A 98 8.79 -20.09 -10.80
CA HIS A 98 7.46 -19.55 -10.48
C HIS A 98 6.89 -18.88 -11.71
N ILE A 99 5.59 -19.10 -11.96
CA ILE A 99 4.90 -18.52 -13.08
C ILE A 99 3.71 -17.73 -12.55
N ILE A 100 3.61 -16.46 -12.94
CA ILE A 100 2.52 -15.58 -12.54
C ILE A 100 1.88 -14.99 -13.81
N HIS A 101 0.57 -14.85 -13.80
CA HIS A 101 -0.17 -14.26 -14.88
C HIS A 101 -0.99 -13.11 -14.35
N THR A 102 -1.27 -12.14 -15.19
CA THR A 102 -2.15 -11.05 -14.80
C THR A 102 -3.25 -10.82 -15.78
N ARG A 103 -4.39 -10.28 -15.28
CA ARG A 103 -5.53 -9.88 -16.10
C ARG A 103 -6.04 -8.52 -15.63
N GLU A 104 -6.04 -7.54 -16.50
CA GLU A 104 -6.69 -6.26 -16.22
C GLU A 104 -8.18 -6.48 -16.25
N GLY A 105 -8.89 -6.02 -15.23
CA GLY A 105 -10.33 -6.12 -15.25
C GLY A 105 -10.97 -5.64 -14.02
N HIS A 106 -12.31 -5.54 -14.06
CA HIS A 106 -13.09 -4.97 -13.00
C HIS A 106 -14.11 -5.92 -12.49
N ARG A 107 -14.41 -5.80 -11.21
CA ARG A 107 -15.57 -6.45 -10.62
C ARG A 107 -16.80 -6.17 -11.49
N PRO A 108 -17.68 -7.18 -11.63
CA PRO A 108 -18.88 -6.93 -12.43
C PRO A 108 -19.76 -5.79 -12.03
N ASP A 109 -19.80 -5.42 -10.75
CA ASP A 109 -20.54 -4.25 -10.32
C ASP A 109 -19.77 -2.92 -10.46
N LEU A 110 -18.55 -3.00 -11.01
CA LEU A 110 -17.72 -1.85 -11.32
C LEU A 110 -17.32 -1.02 -10.08
N ALA A 111 -17.31 -1.64 -8.93
CA ALA A 111 -16.99 -0.91 -7.71
C ALA A 111 -15.56 -0.44 -7.64
N ASP A 112 -14.66 -1.15 -8.36
CA ASP A 112 -13.23 -0.86 -8.41
C ASP A 112 -12.86 -0.06 -9.65
N LEU A 113 -13.83 0.59 -10.29
CA LEU A 113 -13.55 1.31 -11.55
C LEU A 113 -13.60 2.82 -11.32
N PRO A 114 -12.42 3.50 -11.40
CA PRO A 114 -12.48 4.93 -11.23
C PRO A 114 -13.34 5.63 -12.30
N ALA A 115 -13.95 6.71 -11.90
CA ALA A 115 -14.86 7.43 -12.83
C ALA A 115 -14.13 7.93 -14.06
N ASN A 116 -12.92 8.44 -13.89
CA ASN A 116 -12.19 8.94 -15.03
C ASN A 116 -11.82 7.83 -16.00
N LYS A 117 -11.32 6.69 -15.48
CA LYS A 117 -11.04 5.55 -16.32
C LYS A 117 -12.26 5.14 -17.15
N ARG A 118 -13.41 5.07 -16.48
CA ARG A 118 -14.65 4.71 -17.18
C ARG A 118 -14.99 5.72 -18.28
N TRP A 119 -14.96 7.00 -17.92
CA TRP A 119 -15.36 8.07 -18.87
C TRP A 119 -14.49 8.05 -20.11
N ARG A 120 -13.17 7.87 -19.94
CA ARG A 120 -12.25 7.89 -21.09
C ARG A 120 -12.58 6.73 -22.02
N SER A 121 -12.88 5.56 -21.43
CA SER A 121 -13.13 4.36 -22.24
C SER A 121 -14.44 4.53 -23.01
N GLN A 122 -15.41 5.15 -22.40
CA GLN A 122 -16.71 5.44 -23.08
C GLN A 122 -16.50 6.40 -24.24
N ARG A 123 -15.66 7.40 -24.02
CA ARG A 123 -15.44 8.46 -25.02
C ARG A 123 -14.85 7.94 -26.31
N ILE A 124 -14.04 6.88 -26.24
CA ILE A 124 -13.43 6.29 -27.42
C ILE A 124 -14.23 5.08 -27.96
N GLY A 125 -15.39 4.80 -27.39
CA GLY A 125 -16.28 3.75 -27.89
C GLY A 125 -15.93 2.36 -27.42
N ALA A 126 -15.28 2.25 -26.27
CA ALA A 126 -14.89 0.92 -25.72
C ALA A 126 -15.13 0.96 -24.22
N GLY A 127 -16.34 1.33 -23.85
CA GLY A 127 -16.69 1.61 -22.48
C GLY A 127 -16.55 0.38 -21.59
N ILE A 128 -15.81 0.54 -20.48
CA ILE A 128 -15.61 -0.59 -19.55
C ILE A 128 -16.95 -1.00 -18.94
N GLY A 129 -17.24 -2.30 -19.03
CA GLY A 129 -18.54 -2.81 -18.54
C GLY A 129 -19.62 -2.80 -19.61
N ASP A 130 -19.39 -2.09 -20.71
CA ASP A 130 -20.38 -2.07 -21.82
C ASP A 130 -20.33 -3.37 -22.63
N PRO A 131 -21.46 -3.74 -23.25
CA PRO A 131 -21.44 -4.96 -24.05
C PRO A 131 -20.53 -4.86 -25.23
N GLY A 132 -19.77 -5.92 -25.43
CA GLY A 132 -18.93 -6.05 -26.62
C GLY A 132 -19.14 -7.39 -27.28
N PRO A 133 -18.43 -7.65 -28.38
CA PRO A 133 -18.57 -8.90 -29.10
C PRO A 133 -18.20 -10.13 -28.30
N CYS A 134 -17.37 -10.00 -27.25
CA CYS A 134 -16.97 -11.15 -26.42
C CYS A 134 -17.44 -11.01 -24.98
N GLY A 135 -18.44 -10.19 -24.74
CA GLY A 135 -18.98 -9.92 -23.41
C GLY A 135 -18.66 -8.50 -22.95
N ARG A 136 -18.91 -8.23 -21.69
CA ARG A 136 -18.71 -6.88 -21.15
C ARG A 136 -17.22 -6.57 -21.10
N ILE A 137 -16.87 -5.40 -21.61
CA ILE A 137 -15.49 -5.01 -21.84
C ILE A 137 -14.76 -4.89 -20.47
N LEU A 138 -13.60 -5.53 -20.37
CA LEU A 138 -12.72 -5.42 -19.19
C LEU A 138 -13.41 -5.82 -17.92
N THR A 139 -14.38 -6.72 -18.02
CA THR A 139 -15.22 -7.12 -16.89
C THR A 139 -14.92 -8.53 -16.51
N ARG A 140 -14.57 -8.78 -15.26
CA ARG A 140 -14.16 -10.09 -14.82
C ARG A 140 -15.34 -11.11 -15.03
N GLY A 141 -14.92 -12.30 -15.44
CA GLY A 141 -15.84 -13.39 -15.67
C GLY A 141 -16.33 -13.46 -17.11
N GLU A 142 -16.06 -12.46 -17.94
CA GLU A 142 -16.57 -12.43 -19.31
C GLU A 142 -15.61 -13.14 -20.26
N PRO A 143 -16.10 -13.73 -21.38
CA PRO A 143 -15.20 -14.41 -22.25
C PRO A 143 -14.01 -13.62 -22.80
N GLY A 144 -14.26 -12.41 -23.21
CA GLY A 144 -13.20 -11.62 -23.80
C GLY A 144 -12.15 -11.17 -22.81
N TRP A 145 -12.51 -11.16 -21.56
CA TRP A 145 -11.58 -10.68 -20.50
C TRP A 145 -10.56 -11.74 -20.17
N ASP A 146 -10.87 -13.04 -20.43
CA ASP A 146 -9.93 -14.07 -20.03
C ASP A 146 -8.65 -14.15 -20.85
N ILE A 147 -7.64 -14.78 -20.25
CA ILE A 147 -6.39 -15.04 -20.91
C ILE A 147 -6.61 -15.98 -22.11
N ILE A 148 -5.87 -15.70 -23.16
CA ILE A 148 -6.01 -16.52 -24.40
C ILE A 148 -5.60 -17.97 -24.12
N PRO A 149 -6.30 -18.95 -24.79
CA PRO A 149 -6.03 -20.31 -24.49
C PRO A 149 -4.60 -20.79 -24.66
N GLU A 150 -3.87 -20.26 -25.63
CA GLU A 150 -2.52 -20.71 -25.90
C GLU A 150 -1.51 -20.30 -24.81
N LEU A 151 -1.89 -19.36 -23.96
CA LEU A 151 -1.04 -18.96 -22.80
C LEU A 151 -1.75 -19.17 -21.46
N TYR A 152 -2.68 -20.13 -21.39
CA TYR A 152 -3.55 -20.22 -20.27
C TYR A 152 -2.81 -20.73 -19.07
N PRO A 153 -3.16 -20.21 -17.87
CA PRO A 153 -2.51 -20.70 -16.67
C PRO A 153 -2.83 -22.18 -16.37
N ILE A 154 -1.90 -22.83 -15.71
CA ILE A 154 -2.17 -24.13 -15.12
C ILE A 154 -2.13 -24.05 -13.61
N GLU A 155 -2.58 -25.12 -12.96
CA GLU A 155 -2.65 -25.09 -11.49
C GLU A 155 -1.29 -24.78 -10.87
N GLY A 156 -1.32 -23.92 -9.85
CA GLY A 156 -0.13 -23.49 -9.16
C GLY A 156 0.50 -22.22 -9.71
N GLU A 157 -0.08 -21.66 -10.78
CA GLU A 157 0.43 -20.42 -11.38
C GLU A 157 -0.50 -19.30 -10.97
N THR A 158 -0.05 -18.45 -10.05
CA THR A 158 -0.92 -17.43 -9.52
C THR A 158 -1.38 -16.45 -10.57
N ILE A 159 -2.66 -16.10 -10.54
CA ILE A 159 -3.26 -15.11 -11.41
C ILE A 159 -3.62 -13.88 -10.59
N ILE A 160 -3.13 -12.73 -11.02
CA ILE A 160 -3.46 -11.44 -10.42
C ILE A 160 -4.49 -10.75 -11.27
N ASP A 161 -5.62 -10.47 -10.65
CA ASP A 161 -6.74 -9.69 -11.23
C ASP A 161 -6.59 -8.27 -10.73
N HIS A 162 -6.27 -7.35 -11.65
CA HIS A 162 -5.86 -5.98 -11.23
C HIS A 162 -6.76 -4.92 -11.89
N PRO A 163 -7.19 -3.93 -11.12
CA PRO A 163 -8.04 -2.84 -11.68
C PRO A 163 -7.27 -1.63 -12.22
N GLY A 164 -5.99 -1.61 -12.00
CA GLY A 164 -5.07 -0.54 -12.42
C GLY A 164 -4.19 -0.99 -13.55
N LYS A 165 -3.41 -0.07 -14.12
CA LYS A 165 -2.41 -0.41 -15.11
C LYS A 165 -1.20 -1.06 -14.44
N GLY A 166 -0.85 -0.66 -13.23
CA GLY A 166 0.18 -1.35 -12.49
C GLY A 166 -0.47 -2.52 -11.74
N SER A 167 0.05 -3.74 -11.93
CA SER A 167 -0.51 -4.93 -11.34
C SER A 167 -0.40 -4.98 -9.80
N PHE A 168 0.45 -4.16 -9.20
CA PHE A 168 0.54 -4.15 -7.73
C PHE A 168 -0.63 -3.38 -7.08
N CYS A 169 -1.16 -2.34 -7.72
CA CYS A 169 -2.14 -1.46 -7.09
C CYS A 169 -3.41 -2.21 -6.72
N ALA A 170 -3.72 -2.22 -5.44
CA ALA A 170 -4.98 -2.81 -4.96
C ALA A 170 -5.10 -4.30 -5.17
N THR A 171 -3.95 -4.99 -5.24
CA THR A 171 -3.94 -6.44 -5.37
C THR A 171 -3.06 -7.09 -4.29
N ASP A 172 -3.03 -8.41 -4.30
CA ASP A 172 -2.12 -9.20 -3.46
C ASP A 172 -0.84 -9.60 -4.08
N LEU A 173 -0.45 -8.96 -5.19
CA LEU A 173 0.79 -9.34 -5.86
C LEU A 173 2.02 -9.28 -4.98
N GLU A 174 2.17 -8.16 -4.28
CA GLU A 174 3.33 -8.03 -3.43
C GLU A 174 3.37 -9.02 -2.29
N LEU A 175 2.21 -9.24 -1.68
CA LEU A 175 2.08 -10.25 -0.61
C LEU A 175 2.48 -11.64 -1.10
N VAL A 176 2.00 -11.99 -2.31
CA VAL A 176 2.33 -13.29 -2.90
C VAL A 176 3.81 -13.39 -3.20
N LEU A 177 4.39 -12.37 -3.84
CA LEU A 177 5.83 -12.36 -4.11
C LEU A 177 6.64 -12.56 -2.85
N ASN A 178 6.22 -11.89 -1.77
CA ASN A 178 6.96 -11.97 -0.53
C ASN A 178 6.85 -13.37 0.11
N GLN A 179 5.68 -14.00 0.03
CA GLN A 179 5.52 -15.31 0.67
C GLN A 179 6.29 -16.34 -0.15
N LYS A 180 6.37 -16.14 -1.46
CA LYS A 180 7.16 -17.04 -2.34
C LYS A 180 8.67 -16.75 -2.33
N ARG A 181 9.10 -15.69 -1.64
CA ARG A 181 10.46 -15.25 -1.55
C ARG A 181 11.05 -15.02 -2.94
N ILE A 182 10.26 -14.37 -3.78
CA ILE A 182 10.70 -14.01 -5.12
C ILE A 182 11.55 -12.75 -5.06
N GLU A 183 12.69 -12.78 -5.71
CA GLU A 183 13.63 -11.66 -5.82
C GLU A 183 13.72 -11.10 -7.23
N ASN A 184 13.58 -11.97 -8.22
CA ASN A 184 13.80 -11.68 -9.65
C ASN A 184 12.48 -11.88 -10.40
N ILE A 185 12.15 -10.93 -11.27
CA ILE A 185 10.96 -10.99 -12.11
C ILE A 185 11.33 -10.82 -13.54
N ILE A 186 10.83 -11.71 -14.41
CA ILE A 186 11.01 -11.63 -15.87
C ILE A 186 9.63 -11.22 -16.43
N LEU A 187 9.59 -10.07 -17.06
CA LEU A 187 8.35 -9.49 -17.55
C LEU A 187 8.14 -9.71 -19.03
N THR A 188 6.91 -10.13 -19.35
CA THR A 188 6.44 -10.31 -20.70
C THR A 188 4.98 -9.86 -20.75
N GLY A 189 4.44 -9.71 -21.96
CA GLY A 189 3.04 -9.38 -22.11
C GLY A 189 2.77 -8.09 -22.77
N ILE A 190 1.56 -7.59 -22.57
CA ILE A 190 1.08 -6.42 -23.24
C ILE A 190 0.35 -5.46 -22.32
N THR A 191 0.31 -4.17 -22.61
CA THR A 191 1.15 -3.51 -23.63
C THR A 191 2.44 -3.01 -22.98
N THR A 192 3.49 -2.91 -23.80
CA THR A 192 4.82 -2.57 -23.30
C THR A 192 4.87 -1.32 -22.50
N ASP A 193 4.20 -0.29 -23.00
CA ASP A 193 4.26 1.05 -22.44
C ASP A 193 3.23 1.31 -21.34
N VAL A 194 2.24 0.42 -21.21
CA VAL A 194 1.16 0.64 -20.23
C VAL A 194 1.33 -0.38 -19.09
N CYS A 195 0.66 -1.53 -19.13
N CYS A 195 0.66 -1.53 -19.13
CA CYS A 195 0.69 -2.42 -17.95
CA CYS A 195 0.69 -2.42 -17.95
C CYS A 195 2.07 -3.05 -17.71
C CYS A 195 2.07 -3.05 -17.71
N VAL A 196 2.80 -3.36 -18.77
CA VAL A 196 4.11 -3.99 -18.60
C VAL A 196 5.07 -2.97 -17.90
N SER A 197 5.21 -1.79 -18.49
N SER A 197 5.21 -1.79 -18.49
CA SER A 197 6.10 -0.77 -17.92
CA SER A 197 6.09 -0.77 -17.92
C SER A 197 5.65 -0.38 -16.51
C SER A 197 5.65 -0.38 -16.51
N THR A 198 4.35 -0.18 -16.31
CA THR A 198 3.86 0.28 -14.98
C THR A 198 4.16 -0.79 -13.90
N THR A 199 3.87 -2.06 -14.20
CA THR A 199 4.15 -3.12 -13.29
C THR A 199 5.63 -3.27 -13.01
N MET A 200 6.47 -3.12 -14.04
CA MET A 200 7.93 -3.17 -13.85
C MET A 200 8.42 -2.05 -12.94
N ARG A 201 7.86 -0.86 -13.12
CA ARG A 201 8.27 0.28 -12.29
C ARG A 201 7.88 0.06 -10.84
N GLU A 202 6.65 -0.45 -10.61
CA GLU A 202 6.22 -0.71 -9.25
C GLU A 202 7.11 -1.76 -8.58
N ALA A 203 7.41 -2.82 -9.29
CA ALA A 203 8.26 -3.90 -8.75
C ALA A 203 9.65 -3.36 -8.43
N ASN A 204 10.23 -2.68 -9.38
CA ASN A 204 11.56 -2.11 -9.22
C ASN A 204 11.66 -1.21 -7.99
N ASP A 205 10.67 -0.34 -7.78
CA ASP A 205 10.71 0.54 -6.62
C ASP A 205 10.79 -0.19 -5.31
N ARG A 206 10.18 -1.38 -5.25
CA ARG A 206 10.12 -2.16 -4.06
C ARG A 206 11.34 -3.07 -3.86
N GLY A 207 12.25 -3.04 -4.83
CA GLY A 207 13.51 -3.80 -4.72
C GLY A 207 13.63 -5.05 -5.55
N TYR A 208 12.55 -5.45 -6.22
CA TYR A 208 12.62 -6.56 -7.13
C TYR A 208 13.53 -6.27 -8.30
N GLU A 209 14.22 -7.34 -8.77
CA GLU A 209 15.19 -7.23 -9.85
C GLU A 209 14.56 -7.74 -11.13
N CYS A 210 14.36 -6.85 -12.10
CA CYS A 210 13.45 -7.11 -13.22
C CYS A 210 14.16 -7.12 -14.56
N LEU A 211 13.76 -8.07 -15.39
CA LEU A 211 14.22 -8.24 -16.76
C LEU A 211 13.03 -8.13 -17.67
N LEU A 212 13.11 -7.25 -18.67
N LEU A 212 13.11 -7.25 -18.67
CA LEU A 212 12.07 -7.14 -19.68
CA LEU A 212 12.07 -7.14 -19.68
C LEU A 212 12.53 -7.88 -20.91
C LEU A 212 12.53 -7.88 -20.91
N LEU A 213 11.70 -8.79 -21.44
CA LEU A 213 12.03 -9.50 -22.69
C LEU A 213 11.39 -8.75 -23.84
N GLU A 214 12.22 -8.10 -24.65
CA GLU A 214 11.71 -7.16 -25.65
C GLU A 214 10.87 -7.80 -26.76
N ASP A 215 11.17 -9.03 -27.13
CA ASP A 215 10.37 -9.74 -28.14
C ASP A 215 9.16 -10.43 -27.57
N CYS A 216 8.98 -10.32 -26.24
CA CYS A 216 7.85 -10.94 -25.56
C CYS A 216 6.86 -9.89 -25.07
N CYS A 217 7.00 -8.67 -25.58
N CYS A 217 7.00 -8.67 -25.56
CA CYS A 217 6.04 -7.62 -25.32
CA CYS A 217 6.01 -7.62 -25.33
C CYS A 217 5.67 -6.95 -26.63
C CYS A 217 5.67 -6.94 -26.63
N GLY A 218 4.59 -6.18 -26.59
CA GLY A 218 4.19 -5.35 -27.70
C GLY A 218 3.18 -4.32 -27.27
N ALA A 219 2.97 -3.34 -28.14
CA ALA A 219 2.10 -2.21 -27.86
C ALA A 219 1.22 -1.83 -29.01
N THR A 220 0.40 -0.85 -28.73
CA THR A 220 -0.51 -0.30 -29.73
C THR A 220 0.20 0.58 -30.73
N ASP A 221 1.40 1.03 -30.43
CA ASP A 221 2.20 1.93 -31.26
C ASP A 221 3.62 1.40 -31.14
N TYR A 222 4.26 1.03 -32.24
CA TYR A 222 5.56 0.39 -32.16
C TYR A 222 6.61 1.31 -31.62
N GLY A 223 6.54 2.60 -31.96
CA GLY A 223 7.46 3.58 -31.43
C GLY A 223 7.40 3.67 -29.89
N ASN A 224 6.17 3.63 -29.35
CA ASN A 224 6.03 3.66 -27.89
C ASN A 224 6.61 2.37 -27.27
N HIS A 225 6.40 1.23 -27.92
CA HIS A 225 7.04 -0.03 -27.51
C HIS A 225 8.55 0.14 -27.42
N LEU A 226 9.17 0.62 -28.48
CA LEU A 226 10.63 0.75 -28.50
C LEU A 226 11.11 1.75 -27.45
N ALA A 227 10.36 2.83 -27.28
CA ALA A 227 10.72 3.86 -26.28
C ALA A 227 10.62 3.34 -24.86
N ALA A 228 9.59 2.57 -24.60
CA ALA A 228 9.40 2.01 -23.25
C ALA A 228 10.60 1.09 -22.89
N ILE A 229 11.05 0.32 -23.87
CA ILE A 229 12.22 -0.54 -23.71
C ILE A 229 13.47 0.32 -23.47
N LYS A 230 13.69 1.35 -24.27
CA LYS A 230 14.83 2.22 -24.08
C LYS A 230 14.85 2.84 -22.70
N MET A 231 13.68 3.25 -22.21
CA MET A 231 13.58 3.84 -20.89
C MET A 231 14.16 2.96 -19.80
N VAL A 232 13.98 1.64 -19.91
CA VAL A 232 14.50 0.71 -18.92
C VAL A 232 16.01 0.82 -18.76
N LYS A 233 16.69 1.02 -19.89
CA LYS A 233 18.15 0.88 -19.98
C LYS A 233 18.91 2.09 -19.51
N MET A 234 18.26 3.23 -19.47
CA MET A 234 18.99 4.51 -19.20
C MET A 234 19.58 4.56 -17.81
N GLN A 235 20.63 5.37 -17.63
CA GLN A 235 21.16 5.59 -16.28
C GLN A 235 21.56 4.29 -15.59
N GLY A 236 22.18 3.39 -16.33
CA GLY A 236 22.69 2.16 -15.76
C GLY A 236 21.63 1.08 -15.48
N GLY A 237 20.51 1.20 -16.20
CA GLY A 237 19.40 0.25 -16.03
C GLY A 237 18.46 0.69 -14.94
N VAL A 238 17.90 1.88 -15.12
CA VAL A 238 17.08 2.52 -14.07
C VAL A 238 15.94 1.64 -13.59
N PHE A 239 15.33 0.90 -14.48
CA PHE A 239 14.23 -0.03 -14.09
C PHE A 239 14.59 -1.49 -14.10
N GLY A 240 15.80 -1.82 -14.49
CA GLY A 240 16.25 -3.19 -14.62
C GLY A 240 17.04 -3.35 -15.91
N SER A 241 16.91 -4.50 -16.55
CA SER A 241 17.64 -4.78 -17.77
C SER A 241 16.74 -5.40 -18.80
N VAL A 242 17.25 -5.50 -20.04
CA VAL A 242 16.47 -5.97 -21.18
C VAL A 242 17.16 -7.12 -21.90
N SER A 243 16.40 -8.14 -22.22
CA SER A 243 16.92 -9.25 -23.03
C SER A 243 15.86 -9.74 -24.00
N ASN A 244 15.99 -10.97 -24.49
CA ASN A 244 15.04 -11.54 -25.44
C ASN A 244 14.83 -13.00 -25.12
N SER A 245 13.79 -13.59 -25.69
CA SER A 245 13.41 -14.95 -25.39
C SER A 245 14.55 -15.94 -25.66
N ALA A 246 15.24 -15.79 -26.79
CA ALA A 246 16.28 -16.77 -27.12
C ALA A 246 17.42 -16.73 -26.14
N ALA A 247 17.86 -15.54 -25.75
CA ALA A 247 18.95 -15.38 -24.79
C ALA A 247 18.53 -15.92 -23.41
N LEU A 248 17.27 -15.70 -23.04
CA LEU A 248 16.78 -16.22 -21.78
C LEU A 248 16.76 -17.74 -21.77
N VAL A 249 16.15 -18.35 -22.77
CA VAL A 249 15.98 -19.78 -22.79
C VAL A 249 17.35 -20.48 -22.87
N GLU A 250 18.26 -19.90 -23.63
N GLU A 250 18.26 -19.90 -23.63
CA GLU A 250 19.60 -20.46 -23.78
CA GLU A 250 19.61 -20.47 -23.78
C GLU A 250 20.39 -20.53 -22.47
C GLU A 250 20.39 -20.53 -22.47
N ALA A 251 20.23 -19.52 -21.59
CA ALA A 251 21.07 -19.39 -20.40
C ALA A 251 20.33 -19.68 -19.09
N LEU A 252 19.05 -19.97 -19.15
CA LEU A 252 18.25 -20.17 -17.94
C LEU A 252 18.78 -21.40 -17.18
N PRO A 253 19.11 -21.30 -15.89
CA PRO A 253 19.70 -22.49 -15.21
C PRO A 253 18.66 -23.58 -14.92
N ASN B 28 20.15 -25.49 12.57
CA ASN B 28 20.66 -24.70 13.75
C ASN B 28 19.62 -23.70 14.39
N ARG B 29 18.61 -24.30 14.98
CA ARG B 29 17.37 -23.60 15.37
C ARG B 29 17.57 -23.06 16.77
N HIS B 30 17.02 -21.88 17.04
CA HIS B 30 17.05 -21.29 18.37
C HIS B 30 15.70 -20.73 18.69
N PHE B 31 15.24 -20.91 19.89
CA PHE B 31 13.94 -20.49 20.34
C PHE B 31 14.03 -19.71 21.65
N ILE B 32 13.08 -18.79 21.81
CA ILE B 32 12.81 -18.10 23.06
C ILE B 32 11.57 -18.69 23.67
N ASP B 33 11.58 -18.94 24.97
CA ASP B 33 10.42 -19.47 25.65
C ASP B 33 9.30 -18.42 25.49
N ALA B 34 8.13 -18.85 25.09
CA ALA B 34 7.04 -17.86 24.81
C ALA B 34 5.71 -18.52 24.86
N ASP B 35 4.62 -17.76 24.87
CA ASP B 35 3.27 -18.27 25.04
C ASP B 35 2.47 -17.67 23.84
N PRO B 36 1.86 -18.49 22.98
CA PRO B 36 1.53 -19.87 23.26
C PRO B 36 2.49 -20.87 22.63
N TYR B 37 3.53 -20.42 21.98
CA TYR B 37 4.51 -21.31 21.35
C TYR B 37 5.91 -20.73 21.40
N PRO B 38 6.95 -21.59 21.43
CA PRO B 38 8.31 -21.08 21.43
C PRO B 38 8.66 -20.36 20.15
N TRP B 39 9.30 -19.20 20.29
CA TRP B 39 9.37 -18.23 19.21
C TRP B 39 10.82 -18.07 18.74
N PRO B 40 11.06 -17.84 17.44
CA PRO B 40 10.07 -17.79 16.37
C PRO B 40 9.57 -19.19 16.01
N TYR B 41 8.45 -19.28 15.32
CA TYR B 41 7.80 -20.60 15.08
C TYR B 41 8.77 -21.63 14.54
N ASN B 42 9.66 -21.23 13.63
CA ASN B 42 10.57 -22.13 12.94
C ASN B 42 11.99 -22.15 13.48
N GLY B 43 12.24 -21.42 14.58
CA GLY B 43 13.56 -21.34 15.16
C GLY B 43 14.61 -20.65 14.34
N ALA B 44 14.22 -19.89 13.30
CA ALA B 44 15.19 -19.24 12.48
C ALA B 44 15.53 -17.84 13.05
N LEU B 45 16.29 -17.83 14.11
CA LEU B 45 16.53 -16.66 14.92
C LEU B 45 17.95 -16.22 14.84
N ARG B 46 18.23 -15.20 14.04
CA ARG B 46 19.59 -14.70 13.79
C ARG B 46 19.65 -13.18 13.86
N PRO B 47 20.80 -12.61 14.14
CA PRO B 47 20.96 -11.17 14.06
C PRO B 47 20.56 -10.58 12.70
N ASP B 48 20.86 -11.26 11.60
CA ASP B 48 20.64 -10.69 10.29
C ASP B 48 19.16 -10.66 9.88
N ASN B 49 18.31 -11.49 10.50
CA ASN B 49 16.90 -11.56 10.10
C ASN B 49 15.90 -11.12 11.16
N THR B 50 16.41 -10.47 12.23
CA THR B 50 15.61 -10.19 13.40
C THR B 50 15.78 -8.76 13.83
N ALA B 51 14.65 -8.06 14.07
CA ALA B 51 14.73 -6.68 14.57
C ALA B 51 14.01 -6.50 15.87
N LEU B 52 14.56 -5.67 16.73
CA LEU B 52 13.83 -5.10 17.86
C LEU B 52 13.15 -3.84 17.31
N ILE B 53 11.91 -3.62 17.71
CA ILE B 53 11.21 -2.35 17.44
C ILE B 53 10.81 -1.77 18.79
N ILE B 54 11.23 -0.53 19.05
CA ILE B 54 10.87 0.18 20.29
C ILE B 54 9.88 1.29 19.89
N ILE B 55 8.63 1.05 20.25
CA ILE B 55 7.50 1.86 19.78
C ILE B 55 7.17 3.04 20.67
N ASP B 56 7.37 4.25 20.13
CA ASP B 56 6.78 5.48 20.59
C ASP B 56 7.15 5.84 22.06
N MET B 57 8.38 5.54 22.48
CA MET B 57 8.82 5.94 23.84
C MET B 57 9.19 7.41 23.89
N GLN B 58 8.15 8.25 23.71
CA GLN B 58 8.30 9.68 23.49
C GLN B 58 7.97 10.42 24.81
N THR B 59 8.62 11.55 25.01
CA THR B 59 8.40 12.37 26.21
C THR B 59 6.93 12.67 26.46
N ASP B 60 6.20 13.11 25.46
CA ASP B 60 4.82 13.50 25.75
C ASP B 60 3.97 12.32 26.23
N PHE B 61 4.37 11.12 25.82
CA PHE B 61 3.62 9.90 26.14
C PHE B 61 4.05 9.22 27.47
N CYS B 62 5.32 9.34 27.86
CA CYS B 62 5.80 8.60 29.03
C CYS B 62 6.77 9.39 29.92
N GLY B 63 7.03 10.62 29.59
CA GLY B 63 7.99 11.46 30.35
C GLY B 63 7.31 12.35 31.38
N LYS B 64 8.04 12.64 32.49
CA LYS B 64 7.54 13.58 33.46
C LYS B 64 7.37 14.96 32.81
N GLY B 65 6.21 15.57 33.00
CA GLY B 65 5.93 16.86 32.46
C GLY B 65 5.48 16.90 30.99
N GLY B 66 5.41 15.72 30.35
CA GLY B 66 4.74 15.67 29.05
C GLY B 66 3.24 15.81 29.10
N TYR B 67 2.58 15.81 27.95
CA TYR B 67 1.14 16.11 27.98
C TYR B 67 0.36 15.01 28.69
N VAL B 68 0.78 13.76 28.54
CA VAL B 68 0.02 12.67 29.20
C VAL B 68 0.13 12.83 30.72
N ASP B 69 1.33 13.12 31.23
CA ASP B 69 1.52 13.36 32.67
C ASP B 69 0.59 14.51 33.15
N HIS B 70 0.59 15.60 32.43
CA HIS B 70 -0.18 16.79 32.80
C HIS B 70 -1.69 16.52 32.78
N MET B 71 -2.14 15.56 31.96
CA MET B 71 -3.52 15.20 31.93
C MET B 71 -3.95 14.31 33.11
N GLY B 72 -2.99 13.81 33.89
CA GLY B 72 -3.28 13.04 35.10
C GLY B 72 -3.42 11.55 34.90
N TYR B 73 -3.01 11.04 33.75
CA TYR B 73 -2.97 9.59 33.57
C TYR B 73 -1.86 9.02 34.46
N ASP B 74 -1.97 7.71 34.72
CA ASP B 74 -1.05 7.01 35.62
C ASP B 74 0.21 6.71 34.83
N LEU B 75 1.11 7.70 34.88
CA LEU B 75 2.39 7.63 34.10
C LEU B 75 3.27 6.47 34.48
N SER B 76 3.21 5.99 35.75
CA SER B 76 4.00 4.90 36.17
C SER B 76 3.77 3.62 35.28
N LEU B 77 2.58 3.43 34.73
CA LEU B 77 2.34 2.25 33.92
C LEU B 77 3.09 2.27 32.57
N VAL B 78 3.30 3.47 32.05
CA VAL B 78 4.09 3.60 30.77
C VAL B 78 5.55 3.83 31.02
N GLN B 79 5.95 4.15 32.25
CA GLN B 79 7.37 4.16 32.61
C GLN B 79 7.92 2.81 33.01
N ALA B 80 7.04 1.92 33.47
CA ALA B 80 7.44 0.59 33.91
C ALA B 80 8.27 -0.15 32.87
N PRO B 81 7.93 -0.05 31.58
CA PRO B 81 8.73 -0.78 30.59
C PRO B 81 10.09 -0.24 30.28
N ILE B 82 10.47 0.95 30.81
CA ILE B 82 11.74 1.58 30.40
C ILE B 82 12.91 0.67 30.78
N GLU B 83 13.01 0.24 32.04
CA GLU B 83 14.18 -0.56 32.44
C GLU B 83 14.27 -1.90 31.67
N PRO B 84 13.15 -2.64 31.53
CA PRO B 84 13.21 -3.85 30.71
C PRO B 84 13.61 -3.59 29.27
N ILE B 85 13.08 -2.55 28.67
CA ILE B 85 13.47 -2.20 27.29
C ILE B 85 14.96 -1.90 27.26
N LYS B 86 15.48 -1.15 28.23
CA LYS B 86 16.90 -0.82 28.21
C LYS B 86 17.74 -2.11 28.21
N ARG B 87 17.33 -3.11 28.98
CA ARG B 87 18.07 -4.37 29.07
C ARG B 87 18.04 -5.13 27.72
N VAL B 88 16.84 -5.15 27.10
CA VAL B 88 16.71 -5.81 25.80
C VAL B 88 17.50 -5.10 24.74
N LEU B 89 17.40 -3.77 24.72
CA LEU B 89 18.13 -2.95 23.78
C LEU B 89 19.64 -3.14 23.89
N ALA B 90 20.14 -3.13 25.11
CA ALA B 90 21.59 -3.34 25.30
C ALA B 90 22.04 -4.69 24.80
N ALA B 91 21.24 -5.74 25.06
CA ALA B 91 21.58 -7.10 24.67
C ALA B 91 21.56 -7.22 23.16
N MET B 92 20.54 -6.64 22.51
CA MET B 92 20.42 -6.76 21.09
C MET B 92 21.39 -5.91 20.34
N ARG B 93 21.77 -4.75 20.86
CA ARG B 93 22.86 -3.95 20.28
C ARG B 93 24.16 -4.76 20.37
N ALA B 94 24.42 -5.32 21.51
CA ALA B 94 25.71 -6.06 21.71
C ALA B 94 25.86 -7.20 20.75
N LYS B 95 24.75 -7.86 20.41
CA LYS B 95 24.75 -8.99 19.49
C LYS B 95 24.51 -8.65 18.03
N GLY B 96 24.40 -7.37 17.71
CA GLY B 96 24.35 -6.91 16.33
C GLY B 96 23.01 -7.15 15.61
N TYR B 97 21.93 -7.22 16.39
CA TYR B 97 20.57 -7.33 15.84
C TYR B 97 20.16 -5.99 15.25
N HIS B 98 19.20 -6.04 14.32
CA HIS B 98 18.61 -4.79 13.81
C HIS B 98 17.80 -4.11 14.89
N ILE B 99 17.92 -2.80 15.00
CA ILE B 99 17.17 -2.02 15.97
C ILE B 99 16.41 -0.93 15.23
N ILE B 100 15.11 -0.89 15.47
CA ILE B 100 14.21 0.10 14.87
C ILE B 100 13.48 0.83 15.99
N HIS B 101 13.24 2.13 15.81
CA HIS B 101 12.48 2.94 16.74
C HIS B 101 11.34 3.59 16.01
N THR B 102 10.26 3.88 16.71
CA THR B 102 9.16 4.63 16.08
C THR B 102 8.77 5.84 16.90
N ARG B 103 8.24 6.84 16.17
CA ARG B 103 7.66 8.07 16.80
C ARG B 103 6.36 8.41 16.13
N GLU B 104 5.27 8.43 16.87
CA GLU B 104 3.99 8.95 16.35
C GLU B 104 4.12 10.45 16.22
N GLY B 105 3.72 10.98 15.08
CA GLY B 105 3.78 12.44 14.92
C GLY B 105 3.33 12.87 13.56
N HIS B 106 3.12 14.17 13.43
CA HIS B 106 2.66 14.81 12.23
C HIS B 106 3.61 15.84 11.73
N ARG B 107 3.62 15.99 10.43
CA ARG B 107 4.27 17.13 9.79
C ARG B 107 3.81 18.42 10.47
N PRO B 108 4.74 19.37 10.64
CA PRO B 108 4.36 20.60 11.29
C PRO B 108 3.23 21.40 10.67
N ASP B 109 2.99 21.25 9.36
CA ASP B 109 1.87 21.88 8.70
C ASP B 109 0.58 21.05 8.77
N LEU B 110 0.66 19.90 9.44
CA LEU B 110 -0.48 19.03 9.70
C LEU B 110 -1.12 18.46 8.44
N ALA B 111 -0.39 18.40 7.36
CA ALA B 111 -0.92 17.88 6.11
C ALA B 111 -1.32 16.42 6.15
N ASP B 112 -0.64 15.66 7.04
CA ASP B 112 -0.87 14.22 7.21
C ASP B 112 -1.81 13.90 8.38
N LEU B 113 -2.58 14.90 8.85
CA LEU B 113 -3.41 14.72 10.01
C LEU B 113 -4.88 14.62 9.59
N PRO B 114 -5.51 13.41 9.75
CA PRO B 114 -6.90 13.36 9.43
C PRO B 114 -7.77 14.26 10.32
N ALA B 115 -8.83 14.82 9.72
CA ALA B 115 -9.68 15.75 10.46
C ALA B 115 -10.31 15.13 11.68
N ASN B 116 -10.74 13.88 11.59
CA ASN B 116 -11.31 13.23 12.75
C ASN B 116 -10.29 13.05 13.89
N LYS B 117 -9.10 12.58 13.57
CA LYS B 117 -8.03 12.46 14.57
C LYS B 117 -7.79 13.79 15.28
N ARG B 118 -7.71 14.86 14.50
CA ARG B 118 -7.52 16.19 15.08
C ARG B 118 -8.68 16.58 16.02
N TRP B 119 -9.90 16.41 15.52
CA TRP B 119 -11.11 16.85 16.28
C TRP B 119 -11.20 16.13 17.61
N ARG B 120 -10.91 14.81 17.61
CA ARG B 120 -11.03 14.03 18.85
C ARG B 120 -10.03 14.53 19.87
N SER B 121 -8.80 14.85 19.41
CA SER B 121 -7.72 15.25 20.27
C SER B 121 -8.04 16.61 20.88
N GLN B 122 -8.64 17.48 20.09
CA GLN B 122 -9.06 18.83 20.59
C GLN B 122 -10.13 18.66 21.66
N ARG B 123 -11.06 17.75 21.43
N ARG B 123 -11.06 17.75 21.43
CA ARG B 123 -12.21 17.60 22.32
CA ARG B 123 -12.21 17.60 22.32
C ARG B 123 -11.80 17.16 23.75
C ARG B 123 -11.79 17.17 23.75
N ILE B 124 -10.70 16.42 23.86
CA ILE B 124 -10.20 15.98 25.16
C ILE B 124 -9.10 16.89 25.75
N GLY B 125 -8.81 18.00 25.09
CA GLY B 125 -7.84 18.95 25.59
C GLY B 125 -6.39 18.56 25.37
N ALA B 126 -6.12 17.80 24.29
CA ALA B 126 -4.78 17.46 23.89
C ALA B 126 -4.65 17.59 22.38
N GLY B 127 -5.05 18.78 21.87
CA GLY B 127 -5.19 18.95 20.44
C GLY B 127 -3.86 18.81 19.71
N ILE B 128 -3.87 17.97 18.65
CA ILE B 128 -2.66 17.77 17.87
C ILE B 128 -2.24 19.05 17.19
N GLY B 129 -0.97 19.45 17.37
CA GLY B 129 -0.48 20.70 16.84
C GLY B 129 -0.70 21.91 17.75
N ASP B 130 -1.53 21.74 18.76
CA ASP B 130 -1.77 22.84 19.74
C ASP B 130 -0.61 22.90 20.75
N PRO B 131 -0.41 24.05 21.39
CA PRO B 131 0.64 24.13 22.41
C PRO B 131 0.41 23.21 23.56
N GLY B 132 1.46 22.48 23.92
CA GLY B 132 1.41 21.62 25.09
C GLY B 132 2.59 21.97 26.03
N PRO B 133 2.74 21.21 27.09
CA PRO B 133 3.77 21.53 28.09
C PRO B 133 5.19 21.34 27.59
N CYS B 134 5.40 20.50 26.56
CA CYS B 134 6.70 20.24 25.98
C CYS B 134 6.76 20.61 24.53
N GLY B 135 5.89 21.49 24.08
CA GLY B 135 5.84 21.89 22.66
C GLY B 135 4.52 21.48 22.01
N ARG B 136 4.42 21.67 20.69
CA ARG B 136 3.18 21.37 20.00
C ARG B 136 2.95 19.84 20.01
N ILE B 137 1.73 19.49 20.36
CA ILE B 137 1.39 18.10 20.66
C ILE B 137 1.48 17.24 19.38
N LEU B 138 2.22 16.13 19.48
N LEU B 138 2.22 16.13 19.48
CA LEU B 138 2.28 15.12 18.40
CA LEU B 138 2.27 15.13 18.40
C LEU B 138 2.79 15.73 17.12
C LEU B 138 2.79 15.73 17.12
N THR B 139 3.62 16.76 17.24
CA THR B 139 4.15 17.48 16.10
C THR B 139 5.62 17.22 15.97
N ARG B 140 6.03 16.77 14.76
CA ARG B 140 7.44 16.45 14.55
C ARG B 140 8.32 17.68 14.77
N GLY B 141 9.47 17.41 15.37
CA GLY B 141 10.48 18.44 15.65
C GLY B 141 10.32 19.07 17.00
N GLU B 142 9.25 18.79 17.73
CA GLU B 142 8.99 19.43 19.02
C GLU B 142 9.66 18.62 20.15
N PRO B 143 9.99 19.29 21.29
CA PRO B 143 10.66 18.50 22.35
C PRO B 143 9.90 17.34 22.91
N GLY B 144 8.63 17.51 23.13
CA GLY B 144 7.81 16.45 23.72
C GLY B 144 7.62 15.28 22.79
N TRP B 145 7.73 15.54 21.51
CA TRP B 145 7.54 14.51 20.49
C TRP B 145 8.72 13.55 20.43
N ASP B 146 9.92 13.97 20.81
CA ASP B 146 11.07 13.10 20.68
C ASP B 146 11.16 11.97 21.67
N ILE B 147 11.94 10.97 21.31
CA ILE B 147 12.21 9.81 22.16
C ILE B 147 12.92 10.24 23.42
N ILE B 148 12.55 9.60 24.51
CA ILE B 148 13.18 9.91 25.82
C ILE B 148 14.69 9.60 25.77
N PRO B 149 15.48 10.41 26.52
CA PRO B 149 16.93 10.23 26.45
C PRO B 149 17.44 8.86 26.84
N GLU B 150 16.77 8.16 27.78
CA GLU B 150 17.23 6.90 28.27
C GLU B 150 17.11 5.78 27.21
N LEU B 151 16.32 6.00 26.17
CA LEU B 151 16.13 5.02 25.09
C LEU B 151 16.47 5.59 23.73
N TYR B 152 17.39 6.58 23.69
CA TYR B 152 17.58 7.32 22.48
C TYR B 152 18.25 6.48 21.40
N PRO B 153 17.85 6.65 20.15
CA PRO B 153 18.50 5.92 19.05
C PRO B 153 19.99 6.30 18.89
N ILE B 154 20.76 5.37 18.38
CA ILE B 154 22.07 5.67 17.87
C ILE B 154 22.15 5.45 16.40
N GLU B 155 23.26 5.95 15.80
CA GLU B 155 23.41 5.87 14.37
C GLU B 155 23.28 4.44 13.87
N GLY B 156 22.57 4.29 12.75
CA GLY B 156 22.31 2.99 12.19
C GLY B 156 21.03 2.34 12.61
N GLU B 157 20.31 2.96 13.54
CA GLU B 157 19.03 2.42 14.04
C GLU B 157 17.89 3.21 13.42
N THR B 158 17.20 2.61 12.48
CA THR B 158 16.20 3.33 11.71
C THR B 158 15.09 3.83 12.58
N ILE B 159 14.67 5.09 12.39
CA ILE B 159 13.53 5.66 13.09
C ILE B 159 12.39 5.84 12.08
N ILE B 160 11.22 5.28 12.44
CA ILE B 160 10.00 5.47 11.64
C ILE B 160 9.15 6.55 12.27
N ASP B 161 8.88 7.60 11.49
CA ASP B 161 7.99 8.69 11.86
C ASP B 161 6.64 8.43 11.22
N HIS B 162 5.64 8.16 12.07
CA HIS B 162 4.37 7.57 11.56
C HIS B 162 3.16 8.42 11.95
N PRO B 163 2.25 8.69 11.03
CA PRO B 163 1.06 9.52 11.33
C PRO B 163 -0.15 8.74 11.83
N GLY B 164 -0.08 7.42 11.78
CA GLY B 164 -1.16 6.55 12.22
C GLY B 164 -0.77 5.79 13.47
N LYS B 165 -1.74 5.05 14.02
CA LYS B 165 -1.46 4.17 15.14
C LYS B 165 -0.69 2.94 14.72
N GLY B 166 -0.92 2.44 13.52
CA GLY B 166 -0.09 1.37 12.97
C GLY B 166 1.11 2.03 12.29
N SER B 167 2.32 1.63 12.67
CA SER B 167 3.55 2.22 12.12
C SER B 167 3.79 1.95 10.67
N PHE B 168 3.09 0.99 10.05
CA PHE B 168 3.28 0.74 8.63
C PHE B 168 2.52 1.76 7.77
N CYS B 169 1.38 2.26 8.21
CA CYS B 169 0.54 3.14 7.40
C CYS B 169 1.25 4.39 6.95
N ALA B 170 1.40 4.55 5.63
CA ALA B 170 1.98 5.78 5.08
C ALA B 170 3.41 6.03 5.44
N THR B 171 4.15 4.96 5.74
CA THR B 171 5.58 5.06 6.02
C THR B 171 6.38 4.11 5.15
N ASP B 172 7.71 4.19 5.33
CA ASP B 172 8.63 3.26 4.69
C ASP B 172 9.04 2.08 5.48
N LEU B 173 8.30 1.78 6.57
CA LEU B 173 8.70 0.63 7.39
C LEU B 173 8.76 -0.70 6.64
N GLU B 174 7.73 -1.00 5.87
CA GLU B 174 7.75 -2.26 5.15
C GLU B 174 8.89 -2.33 4.12
N LEU B 175 9.09 -1.24 3.40
CA LEU B 175 10.22 -1.14 2.47
C LEU B 175 11.59 -1.41 3.16
N VAL B 176 11.77 -0.78 4.31
CA VAL B 176 12.98 -0.96 5.10
C VAL B 176 13.13 -2.39 5.58
N LEU B 177 12.07 -2.96 6.18
CA LEU B 177 12.14 -4.35 6.62
C LEU B 177 12.53 -5.30 5.47
N ASN B 178 11.96 -5.05 4.30
CA ASN B 178 12.22 -5.91 3.14
C ASN B 178 13.66 -5.76 2.66
N GLN B 179 14.23 -4.55 2.67
CA GLN B 179 15.58 -4.39 2.17
C GLN B 179 16.57 -5.00 3.17
N LYS B 180 16.22 -4.94 4.45
CA LYS B 180 17.06 -5.58 5.50
C LYS B 180 16.84 -7.09 5.63
N ARG B 181 15.89 -7.66 4.90
CA ARG B 181 15.55 -9.05 4.91
C ARG B 181 15.18 -9.52 6.31
N ILE B 182 14.41 -8.70 6.99
CA ILE B 182 13.90 -9.00 8.31
C ILE B 182 12.71 -9.94 8.21
N GLU B 183 12.75 -11.02 8.99
N GLU B 183 12.75 -11.04 8.99
CA GLU B 183 11.67 -11.99 9.10
CA GLU B 183 11.67 -11.99 9.10
C GLU B 183 10.97 -11.98 10.43
C GLU B 183 10.97 -11.98 10.43
N ASN B 184 11.73 -11.68 11.49
CA ASN B 184 11.25 -11.74 12.87
C ASN B 184 11.30 -10.34 13.51
N ILE B 185 10.28 -9.99 14.25
CA ILE B 185 10.17 -8.71 14.91
C ILE B 185 9.84 -8.91 16.35
N ILE B 186 10.61 -8.24 17.23
CA ILE B 186 10.37 -8.25 18.67
C ILE B 186 9.85 -6.86 19.02
N LEU B 187 8.64 -6.83 19.53
CA LEU B 187 7.93 -5.55 19.80
C LEU B 187 7.98 -5.18 21.26
N THR B 188 8.29 -3.93 21.48
CA THR B 188 8.34 -3.27 22.78
C THR B 188 7.78 -1.86 22.61
N GLY B 189 7.43 -1.21 23.72
CA GLY B 189 7.01 0.17 23.71
C GLY B 189 5.63 0.42 24.14
N ILE B 190 5.08 1.56 23.74
CA ILE B 190 3.81 2.03 24.22
C ILE B 190 2.93 2.60 23.14
N THR B 191 1.62 2.61 23.28
CA THR B 191 0.87 1.88 24.30
C THR B 191 0.52 0.49 23.78
N THR B 192 0.32 -0.46 24.69
CA THR B 192 0.16 -1.85 24.32
C THR B 192 -0.99 -2.07 23.40
N ASP B 193 -2.10 -1.41 23.71
CA ASP B 193 -3.37 -1.64 23.01
C ASP B 193 -3.55 -0.77 21.76
N VAL B 194 -2.68 0.25 21.60
CA VAL B 194 -2.85 1.18 20.49
C VAL B 194 -1.69 0.93 19.50
N CYS B 195 -0.58 1.67 19.57
N CYS B 195 -0.58 1.66 19.58
CA CYS B 195 0.43 1.54 18.53
CA CYS B 195 0.43 1.54 18.52
C CYS B 195 1.13 0.18 18.54
C CYS B 195 1.13 0.18 18.54
N VAL B 196 1.35 -0.43 19.70
CA VAL B 196 2.06 -1.70 19.77
C VAL B 196 1.18 -2.77 19.08
N SER B 197 -0.06 -2.92 19.55
N SER B 197 -0.05 -2.92 19.55
CA SER B 197 -0.97 -3.94 18.99
CA SER B 197 -0.96 -3.95 18.98
C SER B 197 -1.20 -3.69 17.50
C SER B 197 -1.20 -3.69 17.50
N THR B 198 -1.44 -2.42 17.12
CA THR B 198 -1.74 -2.12 15.71
C THR B 198 -0.55 -2.44 14.80
N THR B 199 0.65 -2.03 15.20
CA THR B 199 1.84 -2.31 14.43
C THR B 199 2.09 -3.83 14.34
N MET B 200 1.85 -4.55 15.44
CA MET B 200 2.00 -6.01 15.45
C MET B 200 1.05 -6.68 14.47
N ARG B 201 -0.19 -6.19 14.45
CA ARG B 201 -1.21 -6.75 13.56
C ARG B 201 -0.85 -6.51 12.10
N GLU B 202 -0.40 -5.30 11.77
CA GLU B 202 0.01 -5.00 10.41
C GLU B 202 1.18 -5.90 9.98
N ALA B 203 2.19 -6.03 10.83
CA ALA B 203 3.35 -6.84 10.52
C ALA B 203 2.95 -8.31 10.31
N ASN B 204 2.17 -8.83 11.23
CA ASN B 204 1.70 -10.18 11.16
C ASN B 204 0.96 -10.49 9.87
N ASP B 205 0.08 -9.60 9.44
CA ASP B 205 -0.66 -9.85 8.22
C ASP B 205 0.23 -10.00 7.00
N ARG B 206 1.37 -9.33 7.01
CA ARG B 206 2.28 -9.34 5.91
C ARG B 206 3.28 -10.52 5.98
N GLY B 207 3.20 -11.30 7.04
CA GLY B 207 4.00 -12.53 7.17
C GLY B 207 5.17 -12.46 8.12
N TYR B 208 5.40 -11.30 8.72
CA TYR B 208 6.45 -11.20 9.72
C TYR B 208 6.06 -11.98 10.95
N GLU B 209 7.09 -12.54 11.62
CA GLU B 209 6.90 -13.38 12.79
C GLU B 209 7.23 -12.58 14.04
N CYS B 210 6.22 -12.30 14.87
CA CYS B 210 6.30 -11.29 15.88
C CYS B 210 6.22 -11.82 17.31
N LEU B 211 7.06 -11.24 18.15
CA LEU B 211 7.07 -11.52 19.58
C LEU B 211 6.80 -10.26 20.33
N LEU B 212 5.84 -10.28 21.22
N LEU B 212 5.84 -10.28 21.22
CA LEU B 212 5.55 -9.15 22.07
CA LEU B 212 5.55 -9.15 22.07
C LEU B 212 6.18 -9.43 23.44
C LEU B 212 6.18 -9.43 23.44
N LEU B 213 6.98 -8.49 23.95
CA LEU B 213 7.57 -8.66 25.29
C LEU B 213 6.68 -7.93 26.29
N GLU B 214 5.92 -8.67 27.09
CA GLU B 214 4.87 -8.10 27.92
C GLU B 214 5.35 -7.15 28.99
N ASP B 215 6.56 -7.35 29.53
CA ASP B 215 7.12 -6.42 30.50
C ASP B 215 7.82 -5.23 29.88
N CYS B 216 7.86 -5.19 28.54
CA CYS B 216 8.50 -4.14 27.80
C CYS B 216 7.45 -3.26 27.07
N CYS B 217 6.19 -3.43 27.43
N CYS B 217 6.20 -3.44 27.43
CA CYS B 217 5.12 -2.58 26.95
CA CYS B 217 5.11 -2.62 26.93
C CYS B 217 4.25 -2.13 28.11
C CYS B 217 4.26 -2.13 28.09
N GLY B 218 3.46 -1.11 27.83
CA GLY B 218 2.52 -0.62 28.82
C GLY B 218 1.45 0.24 28.20
N ALA B 219 0.41 0.44 28.96
CA ALA B 219 -0.65 1.41 28.67
C ALA B 219 -1.06 2.04 30.00
N THR B 220 -1.71 3.18 29.91
CA THR B 220 -2.16 3.86 31.11
C THR B 220 -3.47 3.27 31.61
N ASP B 221 -4.07 2.30 30.93
CA ASP B 221 -5.11 1.44 31.53
C ASP B 221 -4.53 -0.01 31.53
N TYR B 222 -4.23 -0.50 32.72
CA TYR B 222 -3.55 -1.79 32.83
C TYR B 222 -4.43 -2.91 32.30
N GLY B 223 -5.75 -2.81 32.49
CA GLY B 223 -6.67 -3.79 31.95
C GLY B 223 -6.57 -3.93 30.43
N ASN B 224 -6.48 -2.78 29.75
CA ASN B 224 -6.34 -2.82 28.28
C ASN B 224 -5.00 -3.38 27.88
N HIS B 225 -3.93 -3.07 28.64
CA HIS B 225 -2.64 -3.72 28.44
C HIS B 225 -2.76 -5.26 28.49
N LEU B 226 -3.35 -5.76 29.57
CA LEU B 226 -3.46 -7.19 29.76
C LEU B 226 -4.32 -7.82 28.66
N ALA B 227 -5.39 -7.13 28.27
CA ALA B 227 -6.32 -7.69 27.26
C ALA B 227 -5.66 -7.72 25.90
N ALA B 228 -4.89 -6.67 25.58
CA ALA B 228 -4.20 -6.65 24.28
C ALA B 228 -3.24 -7.85 24.16
N ILE B 229 -2.56 -8.14 25.24
CA ILE B 229 -1.63 -9.30 25.33
C ILE B 229 -2.40 -10.60 25.18
N LYS B 230 -3.49 -10.77 25.89
CA LYS B 230 -4.33 -11.94 25.75
C LYS B 230 -4.76 -12.20 24.35
N MET B 231 -5.16 -11.09 23.68
CA MET B 231 -5.61 -11.23 22.30
C MET B 231 -4.56 -11.87 21.37
N VAL B 232 -3.29 -11.60 21.60
CA VAL B 232 -2.23 -12.12 20.78
C VAL B 232 -2.21 -13.67 20.79
N LYS B 233 -2.47 -14.21 21.97
CA LYS B 233 -2.23 -15.66 22.26
C LYS B 233 -3.33 -16.54 21.78
N MET B 234 -4.51 -15.98 21.53
CA MET B 234 -5.70 -16.81 21.19
C MET B 234 -5.51 -17.52 19.87
N GLN B 235 -6.29 -18.57 19.64
CA GLN B 235 -6.28 -19.26 18.35
C GLN B 235 -4.88 -19.70 17.94
N GLY B 236 -4.07 -20.19 18.87
CA GLY B 236 -2.76 -20.69 18.54
C GLY B 236 -1.68 -19.62 18.24
N GLY B 237 -1.93 -18.42 18.79
CA GLY B 237 -1.05 -17.30 18.59
C GLY B 237 -1.38 -16.52 17.35
N VAL B 238 -2.63 -16.03 17.30
CA VAL B 238 -3.17 -15.39 16.13
C VAL B 238 -2.30 -14.25 15.58
N PHE B 239 -1.70 -13.48 16.50
CA PHE B 239 -0.81 -12.38 16.05
C PHE B 239 0.65 -12.61 16.29
N GLY B 240 1.02 -13.77 16.84
CA GLY B 240 2.37 -14.11 17.17
C GLY B 240 2.43 -14.73 18.55
N SER B 241 3.45 -14.41 19.30
CA SER B 241 3.69 -15.06 20.59
C SER B 241 4.13 -13.98 21.56
N VAL B 242 4.09 -14.32 22.86
CA VAL B 242 4.36 -13.37 23.95
C VAL B 242 5.45 -13.91 24.88
N SER B 243 6.41 -13.08 25.24
CA SER B 243 7.45 -13.48 26.20
C SER B 243 7.80 -12.29 27.08
N ASN B 244 8.97 -12.31 27.70
CA ASN B 244 9.42 -11.27 28.60
C ASN B 244 10.87 -11.01 28.42
N SER B 245 11.35 -9.89 28.95
CA SER B 245 12.70 -9.46 28.73
C SER B 245 13.72 -10.48 29.28
N ALA B 246 13.44 -11.07 30.42
CA ALA B 246 14.42 -12.02 31.00
C ALA B 246 14.59 -13.24 30.12
N ALA B 247 13.48 -13.79 29.64
CA ALA B 247 13.51 -14.97 28.76
C ALA B 247 14.20 -14.65 27.44
N LEU B 248 13.94 -13.44 26.92
CA LEU B 248 14.61 -13.04 25.70
C LEU B 248 16.12 -12.93 25.85
N VAL B 249 16.55 -12.18 26.86
CA VAL B 249 17.97 -11.90 27.03
C VAL B 249 18.73 -13.23 27.32
N GLU B 250 18.11 -14.08 28.09
CA GLU B 250 18.72 -15.38 28.47
C GLU B 250 19.01 -16.27 27.25
N ALA B 251 18.10 -16.30 26.27
CA ALA B 251 18.18 -17.23 25.17
C ALA B 251 18.56 -16.63 23.82
N LEU B 252 18.75 -15.31 23.79
CA LEU B 252 19.03 -14.63 22.51
C LEU B 252 20.37 -15.14 21.96
N PRO B 253 20.39 -15.68 20.74
CA PRO B 253 21.72 -16.14 20.21
C PRO B 253 22.74 -15.03 19.88
N MET C 24 -40.52 23.33 11.29
CA MET C 24 -39.47 23.09 12.37
C MET C 24 -38.09 23.34 11.74
N VAL C 25 -37.13 23.76 12.56
CA VAL C 25 -35.73 23.89 12.13
C VAL C 25 -35.23 22.51 11.68
N GLU C 26 -34.69 22.44 10.46
CA GLU C 26 -34.16 21.21 9.92
C GLU C 26 -32.66 21.44 9.69
N THR C 27 -31.93 20.33 9.81
CA THR C 27 -30.52 20.32 9.66
C THR C 27 -30.15 19.13 8.76
N ASN C 28 -29.07 19.28 8.03
CA ASN C 28 -28.55 18.12 7.31
C ASN C 28 -27.43 17.50 8.13
N ARG C 29 -27.14 17.94 9.37
CA ARG C 29 -26.22 17.18 10.26
C ARG C 29 -27.03 16.20 11.04
N HIS C 30 -26.56 14.96 11.15
CA HIS C 30 -27.29 13.92 11.85
C HIS C 30 -26.28 13.09 12.62
N PHE C 31 -26.65 12.72 13.84
CA PHE C 31 -25.76 11.96 14.73
C PHE C 31 -26.48 10.73 15.26
N ILE C 32 -25.68 9.70 15.52
CA ILE C 32 -26.08 8.51 16.26
C ILE C 32 -25.55 8.62 17.66
N ASP C 33 -26.40 8.33 18.67
CA ASP C 33 -25.95 8.37 20.02
C ASP C 33 -24.85 7.28 20.13
N ALA C 34 -23.74 7.68 20.69
CA ALA C 34 -22.56 6.81 20.73
C ALA C 34 -21.63 7.25 21.79
N ASP C 35 -20.66 6.38 22.12
CA ASP C 35 -19.77 6.59 23.24
C ASP C 35 -18.34 6.41 22.63
N PRO C 36 -17.46 7.38 22.73
CA PRO C 36 -17.54 8.49 23.67
C PRO C 36 -18.07 9.80 23.09
N TYR C 37 -18.43 9.78 21.81
CA TYR C 37 -18.93 11.01 21.17
C TYR C 37 -20.01 10.67 20.16
N PRO C 38 -20.95 11.65 19.90
CA PRO C 38 -21.96 11.39 18.91
C PRO C 38 -21.41 11.25 17.51
N TRP C 39 -21.84 10.24 16.78
CA TRP C 39 -21.16 9.80 15.57
C TRP C 39 -22.01 10.04 14.32
N PRO C 40 -21.42 10.37 13.19
CA PRO C 40 -20.01 10.69 13.01
C PRO C 40 -19.62 12.03 13.61
N TYR C 41 -18.33 12.27 13.80
CA TYR C 41 -17.87 13.44 14.56
C TYR C 41 -18.50 14.74 14.06
N ASN C 42 -18.61 14.86 12.74
CA ASN C 42 -19.09 16.08 12.07
C ASN C 42 -20.54 16.04 11.63
N GLY C 43 -21.26 14.98 11.97
CA GLY C 43 -22.64 14.83 11.59
C GLY C 43 -22.91 14.69 10.12
N ALA C 44 -21.88 14.40 9.31
CA ALA C 44 -22.08 14.25 7.89
C ALA C 44 -22.47 12.84 7.52
N LEU C 45 -23.69 12.45 7.84
CA LEU C 45 -24.17 11.08 7.79
C LEU C 45 -25.23 10.94 6.72
N ARG C 46 -24.85 10.38 5.58
CA ARG C 46 -25.72 10.21 4.43
C ARG C 46 -25.55 8.86 3.80
N PRO C 47 -26.57 8.36 3.08
CA PRO C 47 -26.42 7.16 2.33
C PRO C 47 -25.23 7.15 1.36
N ASP C 48 -24.94 8.26 0.71
CA ASP C 48 -23.92 8.27 -0.34
C ASP C 48 -22.48 8.22 0.24
N ASN C 49 -22.29 8.58 1.49
CA ASN C 49 -20.93 8.64 2.09
C ASN C 49 -20.68 7.64 3.21
N THR C 50 -21.61 6.72 3.40
CA THR C 50 -21.59 5.83 4.57
C THR C 50 -21.78 4.42 4.17
N ALA C 51 -20.93 3.52 4.67
CA ALA C 51 -21.06 2.11 4.42
C ALA C 51 -21.22 1.30 5.70
N LEU C 52 -22.04 0.28 5.65
CA LEU C 52 -22.03 -0.81 6.58
C LEU C 52 -20.97 -1.79 6.07
N ILE C 53 -20.16 -2.34 6.97
CA ILE C 53 -19.29 -3.45 6.65
C ILE C 53 -19.62 -4.59 7.59
N ILE C 54 -19.94 -5.74 6.99
CA ILE C 54 -20.21 -6.97 7.74
C ILE C 54 -19.01 -7.88 7.59
N ILE C 55 -18.29 -8.04 8.67
CA ILE C 55 -17.01 -8.72 8.68
C ILE C 55 -17.11 -10.20 8.99
N ASP C 56 -16.78 -11.00 7.98
CA ASP C 56 -16.38 -12.40 8.12
C ASP C 56 -17.47 -13.30 8.81
N MET C 57 -18.74 -13.03 8.45
CA MET C 57 -19.84 -13.87 9.01
C MET C 57 -19.93 -15.16 8.15
N GLN C 58 -18.92 -15.98 8.27
CA GLN C 58 -18.70 -17.13 7.43
C GLN C 58 -19.07 -18.41 8.22
N THR C 59 -19.54 -19.41 7.50
CA THR C 59 -19.95 -20.66 8.12
C THR C 59 -18.89 -21.27 8.98
N ASP C 60 -17.67 -21.40 8.55
N ASP C 60 -17.50 -20.99 8.60
CA ASP C 60 -16.77 -22.23 9.35
CA ASP C 60 -15.96 -21.10 9.24
C ASP C 60 -16.59 -21.57 10.76
C ASP C 60 -15.55 -20.38 10.58
N PHE C 61 -16.64 -20.25 10.74
N PHE C 61 -16.02 -19.10 10.63
CA PHE C 61 -16.28 -19.44 11.90
CA PHE C 61 -16.14 -18.43 11.90
C PHE C 61 -17.46 -19.42 12.87
C PHE C 61 -17.36 -18.67 12.85
N CYS C 62 -18.60 -19.03 12.41
CA CYS C 62 -19.79 -18.99 13.31
C CYS C 62 -20.75 -20.14 13.15
N GLY C 63 -20.23 -21.22 12.52
CA GLY C 63 -20.96 -22.47 12.33
C GLY C 63 -20.14 -23.75 12.57
N LYS C 64 -20.91 -24.83 12.68
CA LYS C 64 -20.34 -26.13 13.04
C LYS C 64 -19.41 -26.57 11.91
N GLY C 65 -18.33 -27.20 12.31
CA GLY C 65 -17.35 -27.80 11.42
C GLY C 65 -16.25 -26.82 10.96
N GLY C 66 -16.42 -25.55 11.21
CA GLY C 66 -15.40 -24.61 10.80
C GLY C 66 -14.09 -24.56 11.46
N TYR C 67 -13.22 -23.63 11.01
CA TYR C 67 -12.00 -23.25 11.69
C TYR C 67 -12.18 -23.00 13.20
N VAL C 68 -13.16 -22.13 13.49
CA VAL C 68 -13.33 -21.68 14.88
C VAL C 68 -13.83 -22.87 15.71
N ASP C 69 -14.78 -23.62 15.17
CA ASP C 69 -15.26 -24.86 15.82
C ASP C 69 -14.11 -25.85 16.14
N HIS C 70 -13.26 -26.09 15.17
CA HIS C 70 -12.07 -27.00 15.33
C HIS C 70 -11.13 -26.52 16.43
N MET C 71 -11.07 -25.21 16.70
CA MET C 71 -10.22 -24.72 17.80
C MET C 71 -10.88 -24.90 19.18
N GLY C 72 -12.16 -25.30 19.21
CA GLY C 72 -12.86 -25.55 20.47
C GLY C 72 -13.58 -24.36 21.06
N TYR C 73 -13.70 -23.26 20.34
CA TYR C 73 -14.31 -22.09 20.95
C TYR C 73 -15.82 -22.23 21.03
N ASP C 74 -16.43 -21.44 21.89
CA ASP C 74 -17.94 -21.45 22.03
C ASP C 74 -18.65 -20.68 20.90
N LEU C 75 -19.32 -21.41 20.00
CA LEU C 75 -20.11 -20.77 18.95
C LEU C 75 -21.20 -19.81 19.36
N SER C 76 -21.81 -19.97 20.54
CA SER C 76 -22.83 -19.02 20.91
C SER C 76 -22.35 -17.52 20.93
N LEU C 77 -21.08 -17.31 21.27
CA LEU C 77 -20.57 -15.94 21.34
C LEU C 77 -20.50 -15.25 19.94
N VAL C 78 -20.23 -16.07 18.92
CA VAL C 78 -20.14 -15.53 17.56
C VAL C 78 -21.42 -15.61 16.78
N GLN C 79 -22.41 -16.39 17.28
CA GLN C 79 -23.75 -16.33 16.73
C GLN C 79 -24.62 -15.25 17.26
N ALA C 80 -24.30 -14.76 18.47
CA ALA C 80 -25.12 -13.72 19.08
C ALA C 80 -25.37 -12.50 18.20
N PRO C 81 -24.31 -12.06 17.43
CA PRO C 81 -24.57 -10.88 16.60
C PRO C 81 -25.39 -11.06 15.36
N ILE C 82 -25.80 -12.30 15.00
CA ILE C 82 -26.48 -12.51 13.73
C ILE C 82 -27.76 -11.69 13.61
N GLU C 83 -28.66 -11.83 14.61
CA GLU C 83 -29.95 -11.13 14.49
C GLU C 83 -29.81 -9.61 14.52
N PRO C 84 -28.97 -9.05 15.42
CA PRO C 84 -28.74 -7.60 15.36
C PRO C 84 -28.16 -7.13 14.01
N ILE C 85 -27.22 -7.87 13.47
CA ILE C 85 -26.67 -7.51 12.15
C ILE C 85 -27.78 -7.54 11.10
N LYS C 86 -28.63 -8.59 11.13
CA LYS C 86 -29.69 -8.70 10.15
C LYS C 86 -30.57 -7.47 10.19
N ARG C 87 -30.88 -6.96 11.39
CA ARG C 87 -31.74 -5.77 11.52
C ARG C 87 -31.05 -4.53 10.95
N VAL C 88 -29.76 -4.37 11.25
CA VAL C 88 -29.01 -3.23 10.72
C VAL C 88 -28.91 -3.30 9.20
N LEU C 89 -28.60 -4.48 8.70
CA LEU C 89 -28.51 -4.71 7.27
C LEU C 89 -29.82 -4.35 6.55
N ALA C 90 -30.93 -4.85 7.09
CA ALA C 90 -32.21 -4.54 6.48
C ALA C 90 -32.51 -3.06 6.44
N ALA C 91 -32.22 -2.36 7.56
CA ALA C 91 -32.48 -0.95 7.67
C ALA C 91 -31.62 -0.14 6.71
N MET C 92 -30.34 -0.53 6.61
CA MET C 92 -29.42 0.22 5.75
C MET C 92 -29.65 -0.07 4.28
N ARG C 93 -30.04 -1.28 3.93
CA ARG C 93 -30.45 -1.57 2.55
C ARG C 93 -31.68 -0.73 2.20
N ALA C 94 -32.66 -0.70 3.09
CA ALA C 94 -33.91 0.03 2.76
C ALA C 94 -33.67 1.50 2.52
N LYS C 95 -32.69 2.09 3.20
CA LYS C 95 -32.34 3.48 3.05
C LYS C 95 -31.23 3.79 2.01
N GLY C 96 -30.75 2.77 1.34
CA GLY C 96 -29.85 2.93 0.21
C GLY C 96 -28.40 3.23 0.57
N TYR C 97 -27.99 2.83 1.78
CA TYR C 97 -26.59 2.97 2.22
C TYR C 97 -25.72 1.96 1.48
N HIS C 98 -24.43 2.27 1.40
CA HIS C 98 -23.48 1.31 0.84
C HIS C 98 -23.34 0.13 1.80
N ILE C 99 -23.31 -1.08 1.22
CA ILE C 99 -23.13 -2.28 2.03
C ILE C 99 -21.94 -3.03 1.51
N ILE C 100 -21.00 -3.34 2.39
CA ILE C 100 -19.79 -4.10 2.08
C ILE C 100 -19.72 -5.33 2.97
N HIS C 101 -19.26 -6.45 2.44
CA HIS C 101 -19.07 -7.67 3.18
C HIS C 101 -17.64 -8.12 3.04
N THR C 102 -17.13 -8.81 4.05
CA THR C 102 -15.79 -9.37 3.93
C THR C 102 -15.78 -10.87 4.22
N ARG C 103 -14.81 -11.54 3.62
CA ARG C 103 -14.53 -12.96 3.87
C ARG C 103 -13.05 -13.18 4.03
N GLU C 104 -12.63 -13.68 5.17
CA GLU C 104 -11.24 -14.12 5.34
C GLU C 104 -11.04 -15.42 4.57
N GLY C 105 -10.00 -15.49 3.77
CA GLY C 105 -9.71 -16.70 3.07
C GLY C 105 -8.56 -16.60 2.13
N HIS C 106 -8.15 -17.75 1.64
CA HIS C 106 -6.95 -17.87 0.81
C HIS C 106 -7.24 -18.44 -0.53
N ARG C 107 -6.45 -18.03 -1.49
CA ARG C 107 -6.44 -18.66 -2.80
C ARG C 107 -6.28 -20.18 -2.61
N PRO C 108 -6.97 -20.96 -3.46
CA PRO C 108 -6.84 -22.43 -3.29
C PRO C 108 -5.46 -23.01 -3.39
N ASP C 109 -4.53 -22.37 -4.10
CA ASP C 109 -3.16 -22.83 -4.12
C ASP C 109 -2.30 -22.29 -2.97
N LEU C 110 -2.94 -21.54 -2.07
CA LEU C 110 -2.34 -21.01 -0.85
C LEU C 110 -1.16 -20.06 -1.11
N ALA C 111 -1.17 -19.43 -2.27
CA ALA C 111 -0.04 -18.54 -2.59
C ALA C 111 0.00 -17.29 -1.71
N ASP C 112 -1.15 -16.90 -1.16
CA ASP C 112 -1.29 -15.73 -0.29
C ASP C 112 -1.29 -16.07 1.18
N LEU C 113 -0.79 -17.25 1.53
CA LEU C 113 -0.87 -17.74 2.92
C LEU C 113 0.51 -17.70 3.54
N PRO C 114 0.76 -16.77 4.51
CA PRO C 114 2.05 -16.77 5.12
C PRO C 114 2.37 -18.09 5.86
N ALA C 115 3.63 -18.46 5.85
CA ALA C 115 4.03 -19.74 6.44
C ALA C 115 3.69 -19.79 7.95
N ASN C 116 3.93 -18.70 8.65
CA ASN C 116 3.59 -18.69 10.09
C ASN C 116 2.10 -18.85 10.34
N LYS C 117 1.26 -18.13 9.60
CA LYS C 117 -0.18 -18.28 9.72
C LYS C 117 -0.59 -19.75 9.51
N ARG C 118 -0.05 -20.35 8.50
CA ARG C 118 -0.38 -21.76 8.21
C ARG C 118 0.08 -22.68 9.37
N TRP C 119 1.31 -22.51 9.81
CA TRP C 119 1.89 -23.38 10.85
C TRP C 119 1.08 -23.30 12.13
N ARG C 120 0.67 -22.08 12.54
CA ARG C 120 -0.07 -21.91 13.79
C ARG C 120 -1.41 -22.64 13.68
N SER C 121 -2.06 -22.55 12.51
CA SER C 121 -3.39 -23.11 12.34
C SER C 121 -3.30 -24.66 12.38
N GLN C 122 -2.24 -25.18 11.82
CA GLN C 122 -1.99 -26.65 11.85
C GLN C 122 -1.74 -27.14 13.27
N ARG C 123 -1.00 -26.35 14.03
CA ARG C 123 -0.60 -26.74 15.38
C ARG C 123 -1.78 -26.90 16.31
N ILE C 124 -2.84 -26.12 16.10
CA ILE C 124 -4.04 -26.19 16.93
C ILE C 124 -5.14 -27.08 16.31
N GLY C 125 -4.83 -27.77 15.20
CA GLY C 125 -5.76 -28.72 14.61
C GLY C 125 -6.84 -28.10 13.74
N ALA C 126 -6.57 -26.92 13.16
CA ALA C 126 -7.54 -26.28 12.26
C ALA C 126 -6.74 -25.71 11.07
N GLY C 127 -5.98 -26.57 10.44
CA GLY C 127 -5.02 -26.16 9.44
C GLY C 127 -5.66 -25.53 8.22
N ILE C 128 -5.22 -24.32 7.85
CA ILE C 128 -5.74 -23.63 6.69
C ILE C 128 -5.43 -24.44 5.43
N GLY C 129 -6.48 -24.67 4.63
CA GLY C 129 -6.34 -25.51 3.44
C GLY C 129 -6.54 -27.00 3.70
N ASP C 130 -6.54 -27.40 4.97
CA ASP C 130 -6.77 -28.83 5.31
C ASP C 130 -8.25 -29.19 5.19
N PRO C 131 -8.54 -30.47 4.86
CA PRO C 131 -9.94 -30.83 4.69
C PRO C 131 -10.68 -30.76 6.00
N GLY C 132 -11.86 -30.20 5.93
CA GLY C 132 -12.75 -30.13 7.08
C GLY C 132 -14.12 -30.64 6.69
N PRO C 133 -15.06 -30.67 7.65
CA PRO C 133 -16.44 -31.06 7.37
C PRO C 133 -17.13 -30.16 6.41
N CYS C 134 -16.66 -28.89 6.21
CA CYS C 134 -17.32 -27.97 5.28
C CYS C 134 -16.43 -27.58 4.10
N GLY C 135 -15.41 -28.41 3.82
CA GLY C 135 -14.44 -28.17 2.79
C GLY C 135 -13.09 -27.77 3.41
N ARG C 136 -12.19 -27.30 2.55
CA ARG C 136 -10.89 -26.89 3.01
C ARG C 136 -11.01 -25.61 3.84
N ILE C 137 -10.36 -25.62 4.99
CA ILE C 137 -10.51 -24.59 5.99
C ILE C 137 -9.96 -23.24 5.44
N LEU C 138 -10.79 -22.20 5.52
CA LEU C 138 -10.38 -20.84 5.16
C LEU C 138 -9.90 -20.73 3.73
N THR C 139 -10.45 -21.59 2.87
CA THR C 139 -10.03 -21.66 1.48
C THR C 139 -11.12 -21.15 0.58
N ARG C 140 -10.82 -20.20 -0.30
CA ARG C 140 -11.83 -19.60 -1.14
C ARG C 140 -12.49 -20.66 -2.07
N GLY C 141 -13.78 -20.48 -2.21
CA GLY C 141 -14.61 -21.37 -3.02
C GLY C 141 -15.19 -22.53 -2.26
N GLU C 142 -14.80 -22.75 -1.03
CA GLU C 142 -15.28 -23.92 -0.23
C GLU C 142 -16.54 -23.55 0.52
N PRO C 143 -17.43 -24.54 0.80
CA PRO C 143 -18.68 -24.18 1.48
C PRO C 143 -18.54 -23.48 2.81
N GLY C 144 -17.65 -23.92 3.65
CA GLY C 144 -17.53 -23.38 4.97
C GLY C 144 -16.98 -21.95 4.95
N TRP C 145 -16.27 -21.61 3.89
CA TRP C 145 -15.67 -20.29 3.77
C TRP C 145 -16.70 -19.25 3.41
N ASP C 146 -17.84 -19.62 2.79
CA ASP C 146 -18.81 -18.64 2.39
C ASP C 146 -19.60 -18.01 3.50
N ILE C 147 -20.14 -16.83 3.22
CA ILE C 147 -20.97 -16.09 4.14
C ILE C 147 -22.26 -16.90 4.45
N ILE C 148 -22.65 -16.85 5.71
CA ILE C 148 -23.89 -17.58 6.13
C ILE C 148 -25.12 -17.04 5.35
N PRO C 149 -26.08 -17.96 5.06
CA PRO C 149 -27.22 -17.50 4.28
C PRO C 149 -28.04 -16.37 4.86
N GLU C 150 -28.13 -16.27 6.19
CA GLU C 150 -28.95 -15.29 6.84
C GLU C 150 -28.41 -13.85 6.66
N LEU C 151 -27.13 -13.73 6.28
CA LEU C 151 -26.49 -12.43 6.04
C LEU C 151 -25.92 -12.32 4.62
N TYR C 152 -26.50 -13.03 3.66
CA TYR C 152 -25.85 -13.17 2.39
C TYR C 152 -25.90 -11.88 1.59
N PRO C 153 -24.81 -11.59 0.84
CA PRO C 153 -24.83 -10.41 0.00
C PRO C 153 -25.88 -10.48 -1.15
N ILE C 154 -26.32 -9.30 -1.56
CA ILE C 154 -27.05 -9.18 -2.79
C ILE C 154 -26.26 -8.39 -3.81
N GLU C 155 -26.75 -8.38 -5.06
CA GLU C 155 -26.04 -7.67 -6.11
C GLU C 155 -25.84 -6.22 -5.77
N GLY C 156 -24.64 -5.72 -6.08
CA GLY C 156 -24.28 -4.34 -5.78
C GLY C 156 -23.61 -4.12 -4.44
N GLU C 157 -23.48 -5.20 -3.63
CA GLU C 157 -22.82 -5.11 -2.33
C GLU C 157 -21.44 -5.74 -2.44
N THR C 158 -20.41 -4.89 -2.44
CA THR C 158 -19.07 -5.37 -2.72
C THR C 158 -18.61 -6.35 -1.63
N ILE C 159 -17.96 -7.45 -2.04
CA ILE C 159 -17.40 -8.42 -1.15
C ILE C 159 -15.88 -8.34 -1.24
N ILE C 160 -15.24 -8.18 -0.08
CA ILE C 160 -13.77 -8.19 0.01
C ILE C 160 -13.29 -9.54 0.47
N ASP C 161 -12.46 -10.15 -0.32
CA ASP C 161 -11.79 -11.43 -0.01
C ASP C 161 -10.39 -11.11 0.46
N HIS C 162 -10.12 -11.32 1.75
CA HIS C 162 -8.89 -10.83 2.35
C HIS C 162 -8.06 -11.94 2.98
N PRO C 163 -6.75 -11.93 2.78
CA PRO C 163 -5.86 -12.97 3.35
C PRO C 163 -5.29 -12.64 4.73
N GLY C 164 -5.52 -11.43 5.19
CA GLY C 164 -5.03 -10.93 6.47
C GLY C 164 -6.19 -10.79 7.45
N LYS C 165 -5.87 -10.44 8.69
CA LYS C 165 -6.88 -10.14 9.65
C LYS C 165 -7.44 -8.72 9.42
N GLY C 166 -6.61 -7.79 8.94
CA GLY C 166 -7.13 -6.51 8.53
C GLY C 166 -7.58 -6.63 7.08
N SER C 167 -8.83 -6.24 6.79
CA SER C 167 -9.40 -6.36 5.47
C SER C 167 -8.77 -5.47 4.43
N PHE C 168 -8.02 -4.44 4.81
CA PHE C 168 -7.32 -3.60 3.83
C PHE C 168 -6.09 -4.25 3.25
N CYS C 169 -5.37 -5.07 4.02
CA CYS C 169 -4.09 -5.61 3.58
C CYS C 169 -4.22 -6.44 2.31
N ALA C 170 -3.55 -6.03 1.27
CA ALA C 170 -3.49 -6.81 0.04
C ALA C 170 -4.83 -6.98 -0.67
N THR C 171 -5.76 -6.03 -0.45
CA THR C 171 -7.02 -6.05 -1.12
C THR C 171 -7.31 -4.72 -1.84
N ASP C 172 -8.45 -4.66 -2.51
CA ASP C 172 -8.95 -3.45 -3.11
C ASP C 172 -9.92 -2.66 -2.29
N LEU C 173 -10.00 -2.93 -1.00
CA LEU C 173 -10.99 -2.23 -0.15
C LEU C 173 -10.82 -0.72 -0.15
N GLU C 174 -9.58 -0.27 0.04
CA GLU C 174 -9.34 1.17 0.03
C GLU C 174 -9.69 1.83 -1.30
N LEU C 175 -9.28 1.16 -2.39
CA LEU C 175 -9.62 1.68 -3.73
C LEU C 175 -11.13 1.81 -3.93
N VAL C 176 -11.86 0.77 -3.50
CA VAL C 176 -13.32 0.78 -3.61
C VAL C 176 -13.94 1.87 -2.75
N LEU C 177 -13.51 1.99 -1.48
CA LEU C 177 -13.99 3.04 -0.63
C LEU C 177 -13.80 4.42 -1.26
N ASN C 178 -12.64 4.63 -1.84
CA ASN C 178 -12.32 5.92 -2.43
C ASN C 178 -13.16 6.19 -3.68
N GLN C 179 -13.43 5.20 -4.49
CA GLN C 179 -14.21 5.44 -5.72
C GLN C 179 -15.65 5.70 -5.34
N LYS C 180 -16.12 5.06 -4.27
CA LYS C 180 -17.50 5.30 -3.77
C LYS C 180 -17.62 6.58 -2.93
N ARG C 181 -16.52 7.28 -2.63
CA ARG C 181 -16.46 8.45 -1.84
C ARG C 181 -17.08 8.20 -0.44
N ILE C 182 -16.69 7.08 0.13
CA ILE C 182 -17.12 6.72 1.47
C ILE C 182 -16.26 7.42 2.48
N GLU C 183 -16.89 8.05 3.46
N GLU C 183 -16.89 8.04 3.48
CA GLU C 183 -16.22 8.75 4.57
CA GLU C 183 -16.22 8.73 4.57
C GLU C 183 -16.41 8.06 5.92
C GLU C 183 -16.42 8.05 5.91
N ASN C 184 -17.58 7.43 6.09
CA ASN C 184 -18.03 6.86 7.35
C ASN C 184 -18.25 5.36 7.18
N ILE C 185 -17.79 4.57 8.15
CA ILE C 185 -17.89 3.12 8.13
C ILE C 185 -18.50 2.65 9.43
N ILE C 186 -19.53 1.82 9.33
CA ILE C 186 -20.21 1.20 10.50
C ILE C 186 -19.78 -0.28 10.45
N LEU C 187 -19.08 -0.69 11.50
CA LEU C 187 -18.50 -2.04 11.57
C LEU C 187 -19.33 -2.98 12.41
N THR C 188 -19.48 -4.18 11.85
CA THR C 188 -20.16 -5.30 12.46
C THR C 188 -19.41 -6.58 12.08
N GLY C 189 -19.69 -7.67 12.78
CA GLY C 189 -19.14 -8.95 12.42
C GLY C 189 -18.25 -9.57 13.44
N ILE C 190 -17.43 -10.51 12.99
CA ILE C 190 -16.63 -11.32 13.85
C ILE C 190 -15.19 -11.47 13.37
N THR C 191 -14.23 -11.71 14.25
CA THR C 191 -14.35 -11.55 15.71
C THR C 191 -13.96 -10.13 16.11
N THR C 192 -14.52 -9.66 17.22
CA THR C 192 -14.40 -8.28 17.64
C THR C 192 -12.95 -7.84 17.79
N ASP C 193 -12.15 -8.71 18.38
CA ASP C 193 -10.78 -8.41 18.74
C ASP C 193 -9.77 -8.70 17.64
N VAL C 194 -10.17 -9.44 16.60
CA VAL C 194 -9.26 -9.83 15.52
C VAL C 194 -9.63 -9.06 14.25
N CYS C 195 -10.45 -9.60 13.37
N CYS C 195 -10.46 -9.60 13.37
CA CYS C 195 -10.67 -8.94 12.08
CA CYS C 195 -10.67 -8.94 12.08
C CYS C 195 -11.44 -7.62 12.23
C CYS C 195 -11.44 -7.62 12.23
N VAL C 196 -12.39 -7.54 13.16
CA VAL C 196 -13.17 -6.32 13.30
C VAL C 196 -12.25 -5.19 13.78
N SER C 197 -11.55 -5.41 14.89
N SER C 197 -11.53 -5.42 14.89
CA SER C 197 -10.66 -4.37 15.45
CA SER C 197 -10.65 -4.37 15.45
C SER C 197 -9.55 -4.02 14.45
C SER C 197 -9.56 -4.01 14.45
N THR C 198 -8.96 -5.02 13.81
CA THR C 198 -7.85 -4.76 12.88
C THR C 198 -8.32 -3.91 11.69
N THR C 199 -9.46 -4.27 11.09
CA THR C 199 -10.01 -3.52 9.99
C THR C 199 -10.38 -2.13 10.40
N MET C 200 -10.95 -1.97 11.60
CA MET C 200 -11.29 -0.62 12.13
C MET C 200 -10.06 0.26 12.28
N ARG C 201 -8.98 -0.34 12.78
CA ARG C 201 -7.74 0.41 13.00
C ARG C 201 -7.13 0.83 11.68
N GLU C 202 -7.14 -0.05 10.68
CA GLU C 202 -6.61 0.30 9.37
C GLU C 202 -7.44 1.45 8.75
N ALA C 203 -8.72 1.35 8.82
CA ALA C 203 -9.63 2.38 8.28
C ALA C 203 -9.38 3.71 8.97
N ASN C 204 -9.40 3.68 10.29
CA ASN C 204 -9.18 4.86 11.08
C ASN C 204 -7.89 5.58 10.75
N ASP C 205 -6.80 4.83 10.61
CA ASP C 205 -5.51 5.47 10.29
C ASP C 205 -5.53 6.24 9.00
N ARG C 206 -6.35 5.81 8.06
CA ARG C 206 -6.43 6.43 6.77
C ARG C 206 -7.45 7.57 6.71
N GLY C 207 -8.13 7.83 7.85
CA GLY C 207 -9.04 8.96 7.95
C GLY C 207 -10.50 8.67 7.93
N TYR C 208 -10.88 7.41 7.64
CA TYR C 208 -12.28 7.03 7.71
C TYR C 208 -12.79 7.17 9.14
N GLU C 209 -14.08 7.54 9.24
CA GLU C 209 -14.75 7.76 10.50
C GLU C 209 -15.62 6.57 10.83
N CYS C 210 -15.26 5.85 11.91
CA CYS C 210 -15.77 4.51 12.16
C CYS C 210 -16.59 4.38 13.42
N LEU C 211 -17.66 3.63 13.30
CA LEU C 211 -18.56 3.30 14.40
C LEU C 211 -18.61 1.82 14.56
N LEU C 212 -18.35 1.32 15.76
N LEU C 212 -18.34 1.31 15.77
CA LEU C 212 -18.44 -0.10 16.06
CA LEU C 212 -18.44 -0.10 16.05
C LEU C 212 -19.77 -0.35 16.75
C LEU C 212 -19.77 -0.36 16.75
N LEU C 213 -20.56 -1.29 16.25
CA LEU C 213 -21.85 -1.64 16.91
C LEU C 213 -21.58 -2.84 17.81
N GLU C 214 -21.61 -2.60 19.12
CA GLU C 214 -21.18 -3.59 20.09
C GLU C 214 -22.03 -4.86 20.16
N ASP C 215 -23.31 -4.76 19.89
CA ASP C 215 -24.17 -5.95 19.88
C ASP C 215 -24.17 -6.67 18.54
N CYS C 216 -23.42 -6.11 17.55
CA CYS C 216 -23.32 -6.68 16.25
C CYS C 216 -21.93 -7.28 15.99
N CYS C 217 -21.17 -7.45 17.05
N CYS C 217 -21.17 -7.46 17.06
CA CYS C 217 -19.91 -8.16 17.00
CA CYS C 217 -19.93 -8.20 16.99
C CYS C 217 -19.84 -9.20 18.09
C CYS C 217 -19.85 -9.21 18.11
N GLY C 218 -18.90 -10.11 17.98
CA GLY C 218 -18.57 -11.07 19.03
C GLY C 218 -17.23 -11.71 18.80
N ALA C 219 -16.72 -12.35 19.86
CA ALA C 219 -15.39 -12.93 19.87
C ALA C 219 -15.32 -14.29 20.47
N THR C 220 -14.14 -14.86 20.44
CA THR C 220 -13.92 -16.19 21.00
C THR C 220 -13.90 -16.19 22.54
N ASP C 221 -13.71 -15.00 23.12
CA ASP C 221 -13.62 -14.81 24.57
C ASP C 221 -14.42 -13.53 24.80
N TYR C 222 -15.42 -13.54 25.65
CA TYR C 222 -16.28 -12.37 25.82
C TYR C 222 -15.51 -11.21 26.43
N GLY C 223 -14.60 -11.48 27.36
CA GLY C 223 -13.76 -10.42 27.87
C GLY C 223 -12.91 -9.73 26.83
N ASN C 224 -12.37 -10.48 25.89
CA ASN C 224 -11.59 -9.88 24.77
C ASN C 224 -12.53 -9.02 23.89
N HIS C 225 -13.76 -9.49 23.66
CA HIS C 225 -14.79 -8.68 22.99
C HIS C 225 -14.97 -7.35 23.70
N LEU C 226 -15.26 -7.38 25.02
CA LEU C 226 -15.50 -6.18 25.75
C LEU C 226 -14.29 -5.25 25.76
N ALA C 227 -13.09 -5.84 25.87
CA ALA C 227 -11.87 -5.03 25.93
C ALA C 227 -11.61 -4.37 24.57
N ALA C 228 -11.87 -5.10 23.50
CA ALA C 228 -11.64 -4.51 22.18
C ALA C 228 -12.54 -3.29 21.96
N ILE C 229 -13.78 -3.41 22.42
CA ILE C 229 -14.74 -2.26 22.38
C ILE C 229 -14.23 -1.12 23.25
N LYS C 230 -13.82 -1.40 24.47
CA LYS C 230 -13.31 -0.36 25.36
C LYS C 230 -12.12 0.35 24.75
N MET C 231 -11.23 -0.40 24.09
CA MET C 231 -10.09 0.20 23.42
C MET C 231 -10.45 1.30 22.45
N VAL C 232 -11.56 1.15 21.75
CA VAL C 232 -12.03 2.15 20.79
C VAL C 232 -12.28 3.49 21.45
N LYS C 233 -12.84 3.45 22.68
CA LYS C 233 -13.38 4.64 23.36
C LYS C 233 -12.34 5.47 24.04
N MET C 234 -11.17 4.91 24.30
CA MET C 234 -10.16 5.61 25.13
C MET C 234 -9.63 6.86 24.43
N GLN C 235 -9.08 7.79 25.21
CA GLN C 235 -8.43 8.95 24.62
C GLN C 235 -9.34 9.71 23.64
N GLY C 236 -10.60 9.87 23.98
CA GLY C 236 -11.51 10.67 23.16
C GLY C 236 -12.04 9.95 21.94
N GLY C 237 -12.00 8.61 21.96
CA GLY C 237 -12.41 7.82 20.82
C GLY C 237 -11.31 7.59 19.84
N VAL C 238 -10.24 6.98 20.36
CA VAL C 238 -8.97 6.84 19.54
C VAL C 238 -9.20 6.17 18.23
N PHE C 239 -10.07 5.19 18.17
CA PHE C 239 -10.38 4.48 16.92
C PHE C 239 -11.71 4.79 16.30
N GLY C 240 -12.49 5.67 16.94
CA GLY C 240 -13.84 5.96 16.53
C GLY C 240 -14.77 5.97 17.71
N SER C 241 -16.01 5.60 17.47
CA SER C 241 -17.02 5.60 18.55
C SER C 241 -17.78 4.31 18.50
N VAL C 242 -18.57 4.07 19.58
CA VAL C 242 -19.27 2.81 19.76
C VAL C 242 -20.78 3.04 20.00
N SER C 243 -21.59 2.26 19.32
CA SER C 243 -23.05 2.31 19.56
C SER C 243 -23.62 0.91 19.50
N ASN C 244 -24.93 0.78 19.24
CA ASN C 244 -25.61 -0.49 19.17
C ASN C 244 -26.64 -0.45 18.10
N SER C 245 -27.15 -1.63 17.71
CA SER C 245 -28.06 -1.74 16.59
C SER C 245 -29.31 -0.88 16.80
N ALA C 246 -29.86 -0.90 18.01
CA ALA C 246 -31.13 -0.17 18.22
C ALA C 246 -30.94 1.32 18.06
N ALA C 247 -29.85 1.89 18.62
CA ALA C 247 -29.57 3.30 18.51
C ALA C 247 -29.28 3.70 17.06
N LEU C 248 -28.59 2.83 16.33
CA LEU C 248 -28.34 3.11 14.94
C LEU C 248 -29.62 3.12 14.10
N VAL C 249 -30.42 2.08 14.21
CA VAL C 249 -31.62 1.95 13.37
C VAL C 249 -32.59 3.08 13.70
N GLU C 250 -32.69 3.43 14.96
CA GLU C 250 -33.59 4.52 15.40
C GLU C 250 -33.25 5.88 14.78
N ALA C 251 -31.96 6.18 14.63
CA ALA C 251 -31.52 7.52 14.25
C ALA C 251 -30.95 7.61 12.83
N LEU C 252 -30.90 6.50 12.12
CA LEU C 252 -30.27 6.48 10.80
C LEU C 252 -31.10 7.38 9.84
N PRO C 253 -30.46 8.36 9.15
CA PRO C 253 -31.32 9.26 8.29
C PRO C 253 -31.83 8.54 7.03
N ASN D 28 -21.05 25.13 -13.79
CA ASN D 28 -19.93 25.83 -13.15
C ASN D 28 -18.57 25.09 -13.44
N ARG D 29 -18.49 24.49 -14.62
CA ARG D 29 -17.37 23.64 -15.04
C ARG D 29 -16.29 24.55 -15.61
N HIS D 30 -15.03 24.17 -15.40
CA HIS D 30 -13.93 24.88 -16.04
C HIS D 30 -12.97 23.84 -16.62
N PHE D 31 -12.43 24.12 -17.78
CA PHE D 31 -11.53 23.24 -18.47
C PHE D 31 -10.27 23.96 -18.93
N ILE D 32 -9.18 23.20 -19.01
CA ILE D 32 -7.94 23.60 -19.67
C ILE D 32 -7.85 22.90 -20.99
N ASP D 33 -7.47 23.61 -22.06
CA ASP D 33 -7.29 22.99 -23.32
C ASP D 33 -6.19 21.92 -23.17
N ALA D 34 -6.44 20.74 -23.68
CA ALA D 34 -5.48 19.63 -23.48
C ALA D 34 -5.70 18.55 -24.51
N ASP D 35 -4.77 17.60 -24.59
CA ASP D 35 -4.76 16.55 -25.61
C ASP D 35 -4.64 15.24 -24.81
N PRO D 36 -5.57 14.29 -24.91
CA PRO D 36 -6.54 14.21 -26.02
C PRO D 36 -7.92 14.74 -25.66
N TYR D 37 -8.09 15.25 -24.44
CA TYR D 37 -9.40 15.79 -24.01
C TYR D 37 -9.23 16.97 -23.11
N PRO D 38 -10.20 17.92 -23.09
CA PRO D 38 -10.11 19.06 -22.20
C PRO D 38 -10.18 18.62 -20.73
N TRP D 39 -9.32 19.21 -19.94
CA TRP D 39 -9.00 18.67 -18.61
C TRP D 39 -9.45 19.62 -17.52
N PRO D 40 -9.91 19.15 -16.37
CA PRO D 40 -10.14 17.73 -16.05
C PRO D 40 -11.35 17.18 -16.76
N TYR D 41 -11.47 15.87 -16.84
CA TYR D 41 -12.53 15.24 -17.66
C TYR D 41 -13.92 15.81 -17.39
N ASN D 42 -14.21 16.08 -16.13
CA ASN D 42 -15.52 16.52 -15.66
C ASN D 42 -15.65 17.99 -15.39
N GLY D 43 -14.59 18.77 -15.68
CA GLY D 43 -14.58 20.20 -15.44
C GLY D 43 -14.69 20.64 -14.01
N ALA D 44 -14.43 19.71 -13.05
CA ALA D 44 -14.49 20.08 -11.67
C ALA D 44 -13.14 20.61 -11.18
N LEU D 45 -12.82 21.83 -11.59
CA LEU D 45 -11.51 22.41 -11.45
C LEU D 45 -11.55 23.57 -10.48
N ARG D 46 -11.10 23.35 -9.24
CA ARG D 46 -11.13 24.34 -8.18
C ARG D 46 -9.84 24.39 -7.42
N PRO D 47 -9.50 25.50 -6.77
CA PRO D 47 -8.38 25.52 -5.87
C PRO D 47 -8.41 24.45 -4.79
N ASP D 48 -9.59 24.13 -4.22
CA ASP D 48 -9.66 23.25 -3.08
C ASP D 48 -9.44 21.78 -3.47
N ASN D 49 -9.63 21.41 -4.74
CA ASN D 49 -9.51 19.98 -5.14
C ASN D 49 -8.40 19.71 -6.12
N THR D 50 -7.50 20.68 -6.31
CA THR D 50 -6.49 20.60 -7.35
C THR D 50 -5.14 20.95 -6.82
N ALA D 51 -4.13 20.10 -7.14
CA ALA D 51 -2.76 20.38 -6.71
C ALA D 51 -1.83 20.45 -7.90
N LEU D 52 -0.85 21.32 -7.80
CA LEU D 52 0.34 21.26 -8.60
C LEU D 52 1.31 20.34 -7.87
N ILE D 53 1.99 19.48 -8.62
CA ILE D 53 3.12 18.73 -8.07
C ILE D 53 4.37 19.04 -8.90
N ILE D 54 5.40 19.49 -8.23
CA ILE D 54 6.71 19.80 -8.87
C ILE D 54 7.67 18.70 -8.45
N ILE D 55 7.99 17.86 -9.43
CA ILE D 55 8.75 16.63 -9.19
C ILE D 55 10.23 16.79 -9.32
N ASP D 56 10.93 16.63 -8.20
CA ASP D 56 12.36 16.31 -8.16
C ASP D 56 13.27 17.39 -8.86
N MET D 57 12.89 18.66 -8.69
CA MET D 57 13.73 19.75 -9.28
C MET D 57 14.89 20.07 -8.34
N GLN D 58 15.79 19.08 -8.23
CA GLN D 58 16.86 19.03 -7.23
C GLN D 58 18.17 19.46 -7.89
N THR D 59 19.02 20.10 -7.09
CA THR D 59 20.36 20.57 -7.60
C THR D 59 21.15 19.50 -8.30
N ASP D 60 21.28 18.33 -7.76
CA ASP D 60 22.12 17.35 -8.41
C ASP D 60 21.60 16.92 -9.73
N PHE D 61 20.29 17.03 -9.89
CA PHE D 61 19.61 16.57 -11.14
C PHE D 61 19.55 17.64 -12.24
N CYS D 62 19.44 18.92 -11.88
CA CYS D 62 19.23 19.95 -12.89
C CYS D 62 20.04 21.23 -12.63
N GLY D 63 20.87 21.24 -11.61
CA GLY D 63 21.68 22.42 -11.30
C GLY D 63 23.10 22.38 -11.82
N LYS D 64 23.64 23.59 -12.10
CA LYS D 64 25.03 23.69 -12.55
C LYS D 64 25.95 23.16 -11.46
N GLY D 65 26.88 22.28 -11.85
CA GLY D 65 27.80 21.69 -10.89
C GLY D 65 27.30 20.50 -10.10
N GLY D 66 26.04 20.15 -10.28
CA GLY D 66 25.53 18.89 -9.67
C GLY D 66 26.07 17.64 -10.33
N TYR D 67 25.69 16.48 -9.78
CA TYR D 67 26.28 15.24 -10.29
C TYR D 67 25.85 14.96 -11.71
N VAL D 68 24.64 15.31 -12.11
CA VAL D 68 24.22 15.06 -13.50
C VAL D 68 25.07 15.89 -14.46
N ASP D 69 25.29 17.17 -14.14
CA ASP D 69 26.21 18.05 -14.94
C ASP D 69 27.62 17.36 -15.07
N HIS D 70 28.16 16.97 -13.92
CA HIS D 70 29.53 16.42 -13.88
C HIS D 70 29.63 15.10 -14.58
N MET D 71 28.54 14.36 -14.69
CA MET D 71 28.55 13.10 -15.41
C MET D 71 28.51 13.29 -16.92
N GLY D 72 28.27 14.52 -17.40
CA GLY D 72 28.27 14.81 -18.83
C GLY D 72 26.97 14.57 -19.54
N TYR D 73 25.88 14.38 -18.78
CA TYR D 73 24.61 14.21 -19.37
C TYR D 73 24.14 15.57 -19.93
N ASP D 74 23.12 15.49 -20.74
CA ASP D 74 22.59 16.69 -21.47
C ASP D 74 21.69 17.53 -20.55
N LEU D 75 22.34 18.22 -19.62
CA LEU D 75 21.70 19.04 -18.59
C LEU D 75 20.75 20.11 -19.12
N SER D 76 21.05 20.67 -20.31
CA SER D 76 20.15 21.67 -20.87
C SER D 76 18.69 21.22 -20.99
N LEU D 77 18.48 19.93 -21.26
CA LEU D 77 17.13 19.44 -21.43
C LEU D 77 16.32 19.40 -20.11
N VAL D 78 17.02 19.25 -19.00
CA VAL D 78 16.32 19.28 -17.68
C VAL D 78 16.28 20.65 -17.07
N GLN D 79 17.08 21.60 -17.59
CA GLN D 79 16.91 22.99 -17.19
C GLN D 79 15.82 23.75 -17.94
N ALA D 80 15.50 23.27 -19.15
CA ALA D 80 14.52 23.90 -19.98
C ALA D 80 13.16 24.15 -19.26
N PRO D 81 12.69 23.18 -18.46
CA PRO D 81 11.40 23.40 -17.81
C PRO D 81 11.38 24.34 -16.62
N ILE D 82 12.54 24.87 -16.18
CA ILE D 82 12.55 25.64 -14.93
C ILE D 82 11.66 26.89 -15.06
N GLU D 83 11.88 27.69 -16.14
CA GLU D 83 11.10 28.94 -16.24
C GLU D 83 9.61 28.68 -16.43
N PRO D 84 9.20 27.72 -17.27
CA PRO D 84 7.76 27.40 -17.35
C PRO D 84 7.16 26.96 -15.98
N ILE D 85 7.89 26.12 -15.27
CA ILE D 85 7.41 25.72 -13.95
C ILE D 85 7.26 26.94 -13.02
N LYS D 86 8.25 27.83 -13.05
N LYS D 86 8.23 27.86 -13.05
CA LYS D 86 8.19 29.00 -12.19
CA LYS D 86 8.22 29.03 -12.20
C LYS D 86 6.91 29.81 -12.45
C LYS D 86 6.94 29.82 -12.45
N ARG D 87 6.54 29.93 -13.72
CA ARG D 87 5.33 30.68 -14.09
C ARG D 87 4.06 29.99 -13.60
N VAL D 88 4.02 28.66 -13.74
CA VAL D 88 2.89 27.89 -13.28
C VAL D 88 2.77 27.98 -11.76
N LEU D 89 3.88 27.81 -11.09
CA LEU D 89 3.93 27.88 -9.62
C LEU D 89 3.44 29.27 -9.11
N ALA D 90 3.93 30.31 -9.74
CA ALA D 90 3.46 31.65 -9.32
C ALA D 90 1.96 31.83 -9.49
N ALA D 91 1.42 31.36 -10.62
CA ALA D 91 0.02 31.51 -10.94
C ALA D 91 -0.83 30.68 -9.98
N MET D 92 -0.38 29.46 -9.69
CA MET D 92 -1.16 28.61 -8.80
C MET D 92 -1.08 29.02 -7.36
N ARG D 93 0.05 29.55 -6.91
CA ARG D 93 0.15 30.16 -5.61
C ARG D 93 -0.80 31.34 -5.49
N ALA D 94 -0.78 32.19 -6.50
CA ALA D 94 -1.63 33.42 -6.44
C ALA D 94 -3.10 33.08 -6.31
N LYS D 95 -3.53 31.98 -6.91
CA LYS D 95 -4.90 31.56 -6.89
C LYS D 95 -5.28 30.56 -5.78
N GLY D 96 -4.31 30.23 -4.94
CA GLY D 96 -4.56 29.49 -3.70
C GLY D 96 -4.76 27.98 -3.93
N TYR D 97 -4.18 27.45 -5.01
CA TYR D 97 -4.23 26.02 -5.29
C TYR D 97 -3.25 25.30 -4.33
N HIS D 98 -3.49 24.00 -4.13
CA HIS D 98 -2.55 23.20 -3.35
C HIS D 98 -1.25 23.05 -4.14
N ILE D 99 -0.12 23.14 -3.46
CA ILE D 99 1.18 22.99 -4.10
C ILE D 99 1.96 21.91 -3.35
N ILE D 100 2.42 20.91 -4.09
CA ILE D 100 3.20 19.80 -3.54
C ILE D 100 4.54 19.72 -4.29
N HIS D 101 5.63 19.39 -3.57
CA HIS D 101 6.91 19.21 -4.15
C HIS D 101 7.43 17.83 -3.81
N THR D 102 8.29 17.27 -4.64
CA THR D 102 8.92 15.99 -4.30
C THR D 102 10.41 16.05 -4.40
N ARG D 103 11.09 15.20 -3.62
CA ARG D 103 12.54 15.01 -3.67
C ARG D 103 12.86 13.53 -3.61
N GLU D 104 13.51 13.01 -4.64
CA GLU D 104 14.06 11.65 -4.59
C GLU D 104 15.23 11.63 -3.65
N GLY D 105 15.26 10.67 -2.75
CA GLY D 105 16.38 10.58 -1.83
C GLY D 105 16.22 9.50 -0.82
N HIS D 106 17.31 9.21 -0.14
CA HIS D 106 17.41 8.15 0.83
C HIS D 106 17.81 8.63 2.17
N ARG D 107 17.32 7.95 3.18
CA ARG D 107 17.83 8.10 4.55
C ARG D 107 19.35 8.07 4.54
N PRO D 108 19.98 8.91 5.37
CA PRO D 108 21.44 8.88 5.38
C PRO D 108 22.10 7.55 5.72
N ASP D 109 21.41 6.67 6.47
CA ASP D 109 21.94 5.35 6.74
C ASP D 109 21.61 4.33 5.65
N LEU D 110 20.95 4.79 4.59
CA LEU D 110 20.61 3.97 3.42
C LEU D 110 19.71 2.78 3.71
N ALA D 111 18.95 2.84 4.80
CA ALA D 111 18.05 1.76 5.14
C ALA D 111 16.96 1.49 4.14
N ASP D 112 16.56 2.55 3.41
CA ASP D 112 15.49 2.49 2.40
C ASP D 112 16.02 2.35 0.99
N LEU D 113 17.25 1.90 0.84
CA LEU D 113 17.87 1.82 -0.48
C LEU D 113 17.98 0.36 -0.92
N PRO D 114 17.20 -0.05 -1.95
CA PRO D 114 17.35 -1.37 -2.46
C PRO D 114 18.76 -1.66 -2.99
N ALA D 115 19.20 -2.90 -2.79
CA ALA D 115 20.56 -3.26 -3.18
C ALA D 115 20.77 -3.12 -4.69
N ASN D 116 19.79 -3.48 -5.49
CA ASN D 116 19.93 -3.31 -6.93
C ASN D 116 20.04 -1.86 -7.35
N LYS D 117 19.21 -1.00 -6.83
CA LYS D 117 19.30 0.43 -7.06
C LYS D 117 20.70 0.96 -6.73
N ARG D 118 21.21 0.56 -5.58
CA ARG D 118 22.56 0.98 -5.19
C ARG D 118 23.61 0.48 -6.19
N TRP D 119 23.56 -0.81 -6.49
CA TRP D 119 24.59 -1.43 -7.37
C TRP D 119 24.64 -0.78 -8.72
N ARG D 120 23.45 -0.48 -9.31
CA ARG D 120 23.43 0.12 -10.63
C ARG D 120 24.07 1.50 -10.60
N SER D 121 23.81 2.25 -9.54
CA SER D 121 24.29 3.63 -9.43
C SER D 121 25.81 3.61 -9.28
N GLN D 122 26.33 2.64 -8.55
CA GLN D 122 27.78 2.48 -8.37
C GLN D 122 28.44 2.13 -9.70
N ARG D 123 27.79 1.27 -10.47
N ARG D 123 27.75 1.29 -10.48
CA ARG D 123 28.37 0.77 -11.72
CA ARG D 123 28.31 0.78 -11.73
C ARG D 123 28.60 1.88 -12.74
C ARG D 123 28.61 1.87 -12.73
N ILE D 124 27.77 2.90 -12.73
CA ILE D 124 27.91 4.03 -13.66
C ILE D 124 28.66 5.21 -13.04
N GLY D 125 29.18 5.06 -11.82
CA GLY D 125 29.99 6.11 -11.19
C GLY D 125 29.21 7.23 -10.56
N ALA D 126 27.95 6.97 -10.15
CA ALA D 126 27.15 7.93 -9.40
C ALA D 126 26.49 7.23 -8.23
N GLY D 127 27.33 6.60 -7.41
CA GLY D 127 26.86 5.71 -6.38
C GLY D 127 26.04 6.46 -5.33
N ILE D 128 24.83 5.95 -5.05
CA ILE D 128 23.97 6.57 -4.05
C ILE D 128 24.62 6.52 -2.67
N GLY D 129 24.69 7.66 -2.01
CA GLY D 129 25.36 7.75 -0.73
C GLY D 129 26.87 8.04 -0.83
N ASP D 130 27.43 7.88 -2.01
CA ASP D 130 28.87 8.20 -2.22
C ASP D 130 29.06 9.70 -2.36
N PRO D 131 30.27 10.20 -2.10
CA PRO D 131 30.52 11.63 -2.32
C PRO D 131 30.37 12.02 -3.74
N GLY D 132 29.62 13.10 -3.95
CA GLY D 132 29.49 13.73 -5.23
C GLY D 132 29.88 15.21 -5.11
N PRO D 133 29.73 15.95 -6.22
CA PRO D 133 30.17 17.35 -6.23
C PRO D 133 29.39 18.23 -5.28
N CYS D 134 28.14 17.85 -4.91
CA CYS D 134 27.33 18.69 -4.02
C CYS D 134 26.92 17.93 -2.75
N GLY D 135 27.73 16.92 -2.38
CA GLY D 135 27.42 16.12 -1.21
C GLY D 135 27.12 14.68 -1.58
N ARG D 136 26.67 13.90 -0.59
CA ARG D 136 26.39 12.48 -0.84
C ARG D 136 25.20 12.36 -1.79
N ILE D 137 25.38 11.55 -2.82
CA ILE D 137 24.48 11.47 -3.94
C ILE D 137 23.12 10.89 -3.45
N LEU D 138 22.03 11.59 -3.81
CA LEU D 138 20.67 11.10 -3.52
C LEU D 138 20.44 10.85 -2.06
N THR D 139 21.13 11.56 -1.21
CA THR D 139 21.07 11.39 0.23
C THR D 139 20.40 12.57 0.88
N ARG D 140 19.36 12.28 1.68
CA ARG D 140 18.62 13.36 2.32
C ARG D 140 19.50 14.19 3.25
N GLY D 141 19.25 15.47 3.23
CA GLY D 141 20.01 16.45 4.02
C GLY D 141 21.19 17.04 3.31
N GLU D 142 21.56 16.53 2.15
CA GLU D 142 22.77 17.00 1.42
C GLU D 142 22.41 18.16 0.49
N PRO D 143 23.36 19.06 0.21
CA PRO D 143 23.01 20.20 -0.67
C PRO D 143 22.53 19.84 -2.05
N GLY D 144 23.12 18.88 -2.68
CA GLY D 144 22.74 18.51 -4.00
C GLY D 144 21.37 17.87 -4.09
N TRP D 145 20.97 17.26 -2.97
CA TRP D 145 19.64 16.64 -2.90
C TRP D 145 18.51 17.66 -2.80
N ASP D 146 18.75 18.87 -2.29
CA ASP D 146 17.68 19.81 -2.10
C ASP D 146 17.16 20.44 -3.40
N ILE D 147 15.95 20.94 -3.32
CA ILE D 147 15.29 21.62 -4.41
C ILE D 147 16.05 22.90 -4.77
N ILE D 148 16.12 23.16 -6.07
CA ILE D 148 16.78 24.39 -6.54
C ILE D 148 16.11 25.65 -5.99
N PRO D 149 16.92 26.71 -5.72
CA PRO D 149 16.31 27.88 -5.13
C PRO D 149 15.22 28.56 -5.96
N GLU D 150 15.29 28.48 -7.28
CA GLU D 150 14.34 29.09 -8.17
C GLU D 150 12.92 28.50 -8.06
N LEU D 151 12.83 27.27 -7.51
CA LEU D 151 11.55 26.59 -7.34
C LEU D 151 11.31 26.17 -5.88
N TYR D 152 11.88 26.91 -4.93
CA TYR D 152 11.92 26.43 -3.56
C TYR D 152 10.55 26.47 -2.92
N PRO D 153 10.22 25.44 -2.11
CA PRO D 153 8.94 25.45 -1.40
C PRO D 153 8.80 26.61 -0.39
N ILE D 154 7.56 27.00 -0.17
CA ILE D 154 7.24 27.89 0.96
C ILE D 154 6.38 27.13 1.95
N GLU D 155 6.25 27.72 3.13
CA GLU D 155 5.47 27.08 4.19
C GLU D 155 4.06 26.77 3.74
N GLY D 156 3.60 25.57 4.10
CA GLY D 156 2.30 25.09 3.73
C GLY D 156 2.24 24.28 2.44
N GLU D 157 3.38 24.16 1.75
CA GLU D 157 3.46 23.36 0.53
C GLU D 157 4.16 22.03 0.88
N THR D 158 3.39 20.96 0.88
CA THR D 158 3.92 19.67 1.34
C THR D 158 5.06 19.20 0.47
N ILE D 159 6.12 18.69 1.09
CA ILE D 159 7.25 18.09 0.38
C ILE D 159 7.25 16.58 0.66
N ILE D 160 7.26 15.80 -0.41
CA ILE D 160 7.34 14.35 -0.32
C ILE D 160 8.79 13.92 -0.57
N ASP D 161 9.36 13.23 0.40
CA ASP D 161 10.68 12.64 0.31
C ASP D 161 10.51 11.17 -0.01
N HIS D 162 10.92 10.77 -1.21
CA HIS D 162 10.54 9.45 -1.74
C HIS D 162 11.75 8.61 -2.12
N PRO D 163 11.79 7.33 -1.78
CA PRO D 163 12.94 6.46 -2.10
C PRO D 163 12.80 5.72 -3.44
N GLY D 164 11.64 5.79 -4.06
CA GLY D 164 11.40 5.13 -5.33
C GLY D 164 11.27 6.18 -6.45
N LYS D 165 11.14 5.71 -7.67
CA LYS D 165 10.85 6.59 -8.80
C LYS D 165 9.40 7.02 -8.79
N GLY D 166 8.47 6.23 -8.32
CA GLY D 166 7.12 6.69 -8.11
C GLY D 166 7.04 7.30 -6.72
N SER D 167 6.55 8.53 -6.63
CA SER D 167 6.47 9.28 -5.38
C SER D 167 5.49 8.70 -4.38
N PHE D 168 4.56 7.85 -4.80
CA PHE D 168 3.65 7.22 -3.84
C PHE D 168 4.32 6.11 -3.03
N CYS D 169 5.22 5.35 -3.61
CA CYS D 169 5.79 4.14 -2.96
C CYS D 169 6.48 4.51 -1.64
N ALA D 170 5.98 3.94 -0.56
CA ALA D 170 6.61 4.07 0.74
C ALA D 170 6.61 5.47 1.31
N THR D 171 5.65 6.32 0.87
CA THR D 171 5.52 7.63 1.39
C THR D 171 4.09 7.90 1.90
N ASP D 172 3.88 9.13 2.40
CA ASP D 172 2.58 9.58 2.82
C ASP D 172 1.83 10.39 1.79
N LEU D 173 2.27 10.35 0.52
CA LEU D 173 1.60 11.18 -0.50
C LEU D 173 0.12 10.91 -0.65
N GLU D 174 -0.25 9.64 -0.76
CA GLU D 174 -1.68 9.33 -0.88
C GLU D 174 -2.48 9.72 0.34
N LEU D 175 -1.92 9.48 1.52
CA LEU D 175 -2.59 9.93 2.77
C LEU D 175 -2.85 11.45 2.76
N VAL D 176 -1.82 12.21 2.35
CA VAL D 176 -1.92 13.65 2.29
C VAL D 176 -2.94 14.10 1.25
N LEU D 177 -2.89 13.55 0.05
CA LEU D 177 -3.87 13.85 -0.98
C LEU D 177 -5.29 13.61 -0.51
N ASN D 178 -5.49 12.50 0.20
CA ASN D 178 -6.81 12.13 0.67
C ASN D 178 -7.28 13.11 1.76
N GLN D 179 -6.41 13.54 2.65
CA GLN D 179 -6.85 14.43 3.72
C GLN D 179 -7.13 15.82 3.14
N LYS D 180 -6.41 16.19 2.10
CA LYS D 180 -6.67 17.48 1.40
C LYS D 180 -7.84 17.41 0.41
N ARG D 181 -8.42 16.24 0.19
CA ARG D 181 -9.50 16.02 -0.71
C ARG D 181 -9.14 16.46 -2.14
N ILE D 182 -7.92 16.14 -2.54
CA ILE D 182 -7.44 16.46 -3.87
C ILE D 182 -7.97 15.42 -4.85
N GLU D 183 -8.50 15.89 -5.97
N GLU D 183 -8.55 15.90 -5.96
CA GLU D 183 -9.02 15.07 -7.05
CA GLU D 183 -9.04 15.09 -7.08
C GLU D 183 -8.21 15.17 -8.32
C GLU D 183 -8.21 15.18 -8.34
N ASN D 184 -7.63 16.35 -8.57
CA ASN D 184 -6.93 16.69 -9.78
C ASN D 184 -5.48 17.02 -9.46
N ILE D 185 -4.57 16.53 -10.30
CA ILE D 185 -3.15 16.75 -10.13
C ILE D 185 -2.56 17.23 -11.42
N ILE D 186 -1.80 18.34 -11.35
CA ILE D 186 -1.06 18.87 -12.48
C ILE D 186 0.41 18.55 -12.23
N LEU D 187 0.99 17.77 -13.13
CA LEU D 187 2.36 17.30 -12.97
C LEU D 187 3.36 18.10 -13.79
N THR D 188 4.46 18.40 -13.12
CA THR D 188 5.60 19.10 -13.69
C THR D 188 6.88 18.47 -13.08
N GLY D 189 8.03 18.77 -13.68
CA GLY D 189 9.28 18.34 -13.11
C GLY D 189 10.08 17.41 -13.93
N ILE D 190 10.98 16.68 -13.28
CA ILE D 190 11.92 15.85 -13.96
C ILE D 190 12.10 14.50 -13.29
N THR D 191 12.49 13.45 -13.99
CA THR D 191 12.56 13.39 -15.47
C THR D 191 11.21 12.88 -15.99
N THR D 192 10.87 13.27 -17.23
CA THR D 192 9.57 12.99 -17.79
C THR D 192 9.26 11.51 -17.80
N ASP D 193 10.26 10.72 -18.19
CA ASP D 193 10.06 9.29 -18.41
C ASP D 193 10.26 8.42 -17.15
N VAL D 194 10.83 9.01 -16.08
CA VAL D 194 11.11 8.27 -14.87
C VAL D 194 10.16 8.72 -13.76
N CYS D 195 10.54 9.68 -12.92
N CYS D 195 10.54 9.66 -12.90
CA CYS D 195 9.71 10.00 -11.75
CA CYS D 195 9.67 9.98 -11.75
C CYS D 195 8.38 10.65 -12.15
C CYS D 195 8.33 10.65 -12.14
N VAL D 196 8.36 11.46 -13.19
CA VAL D 196 7.12 12.17 -13.58
C VAL D 196 6.13 11.10 -14.09
N SER D 197 6.53 10.30 -15.07
N SER D 197 6.53 10.32 -15.06
CA SER D 197 5.64 9.27 -15.63
CA SER D 197 5.64 9.26 -15.56
C SER D 197 5.21 8.28 -14.53
C SER D 197 5.23 8.28 -14.50
N THR D 198 6.18 7.81 -13.72
CA THR D 198 5.82 6.81 -12.68
C THR D 198 4.82 7.36 -11.67
N THR D 199 5.05 8.57 -11.18
CA THR D 199 4.16 9.17 -10.21
C THR D 199 2.76 9.41 -10.87
N MET D 200 2.74 9.82 -12.13
CA MET D 200 1.45 10.01 -12.83
C MET D 200 0.68 8.72 -12.95
N ARG D 201 1.40 7.63 -13.25
CA ARG D 201 0.77 6.33 -13.39
C ARG D 201 0.19 5.86 -12.07
N GLU D 202 0.97 6.01 -10.98
CA GLU D 202 0.49 5.62 -9.67
C GLU D 202 -0.77 6.41 -9.29
N ALA D 203 -0.76 7.71 -9.51
CA ALA D 203 -1.90 8.55 -9.16
C ALA D 203 -3.14 8.16 -9.99
N ASN D 204 -2.94 8.02 -11.28
CA ASN D 204 -4.00 7.64 -12.17
C ASN D 204 -4.67 6.34 -11.77
N ASP D 205 -3.87 5.32 -11.39
CA ASP D 205 -4.47 4.05 -11.01
C ASP D 205 -5.40 4.17 -9.82
N ARG D 206 -5.12 5.13 -8.95
CA ARG D 206 -5.87 5.30 -7.73
C ARG D 206 -7.12 6.23 -7.95
N GLY D 207 -7.27 6.74 -9.16
CA GLY D 207 -8.43 7.56 -9.51
C GLY D 207 -8.22 9.03 -9.65
N TYR D 208 -7.02 9.53 -9.32
CA TYR D 208 -6.72 10.92 -9.48
C TYR D 208 -6.72 11.27 -10.97
N GLU D 209 -7.15 12.50 -11.27
CA GLU D 209 -7.26 13.02 -12.63
C GLU D 209 -6.07 13.93 -12.91
N CYS D 210 -5.22 13.50 -13.82
CA CYS D 210 -3.89 14.06 -13.98
C CYS D 210 -3.66 14.75 -15.31
N LEU D 211 -2.99 15.88 -15.24
CA LEU D 211 -2.58 16.66 -16.39
C LEU D 211 -1.08 16.80 -16.37
N LEU D 212 -0.43 16.44 -17.48
N LEU D 212 -0.41 16.39 -17.45
CA LEU D 212 1.00 16.60 -17.61
CA LEU D 212 1.02 16.59 -17.56
C LEU D 212 1.26 17.87 -18.43
C LEU D 212 1.26 17.85 -18.42
N LEU D 213 2.08 18.77 -17.94
CA LEU D 213 2.44 20.00 -18.69
C LEU D 213 3.74 19.73 -19.44
N GLU D 214 3.65 19.53 -20.78
CA GLU D 214 4.78 19.09 -21.54
C GLU D 214 5.99 20.00 -21.55
N ASP D 215 5.79 21.32 -21.48
CA ASP D 215 6.90 22.24 -21.42
C ASP D 215 7.45 22.47 -20.03
N CYS D 216 6.83 21.82 -19.03
CA CYS D 216 7.24 21.93 -17.66
C CYS D 216 7.88 20.62 -17.16
N CYS D 217 8.22 19.75 -18.09
N CYS D 217 8.18 19.74 -18.09
CA CYS D 217 8.98 18.54 -17.78
CA CYS D 217 9.01 18.59 -17.73
C CYS D 217 10.12 18.40 -18.76
C CYS D 217 10.14 18.42 -18.74
N GLY D 218 11.08 17.54 -18.40
CA GLY D 218 12.19 17.24 -19.28
C GLY D 218 12.88 15.96 -18.83
N ALA D 219 13.65 15.39 -19.73
CA ALA D 219 14.56 14.29 -19.49
C ALA D 219 15.86 14.57 -20.27
N THR D 220 16.94 13.89 -19.90
CA THR D 220 18.18 14.08 -20.61
C THR D 220 18.23 13.31 -21.90
N ASP D 221 17.22 12.48 -22.21
CA ASP D 221 17.00 12.00 -23.58
C ASP D 221 15.69 12.58 -24.08
N TYR D 222 15.75 13.47 -25.07
CA TYR D 222 14.59 14.19 -25.54
C TYR D 222 13.60 13.21 -26.16
N GLY D 223 14.07 12.20 -26.87
CA GLY D 223 13.19 11.21 -27.44
C GLY D 223 12.35 10.49 -26.39
N ASN D 224 13.00 10.16 -25.26
CA ASN D 224 12.24 9.48 -24.17
C ASN D 224 11.23 10.46 -23.56
N HIS D 225 11.59 11.74 -23.43
CA HIS D 225 10.64 12.78 -23.01
C HIS D 225 9.41 12.78 -23.92
N LEU D 226 9.62 12.87 -25.24
CA LEU D 226 8.52 12.98 -26.14
C LEU D 226 7.65 11.72 -26.12
N ALA D 227 8.32 10.56 -26.01
CA ALA D 227 7.57 9.28 -26.01
C ALA D 227 6.76 9.13 -24.74
N ALA D 228 7.33 9.55 -23.61
CA ALA D 228 6.58 9.46 -22.34
C ALA D 228 5.29 10.28 -22.41
N ILE D 229 5.39 11.45 -23.01
CA ILE D 229 4.20 12.31 -23.25
C ILE D 229 3.21 11.62 -24.16
N LYS D 230 3.67 11.09 -25.29
CA LYS D 230 2.79 10.39 -26.21
C LYS D 230 2.04 9.27 -25.52
N MET D 231 2.76 8.51 -24.68
CA MET D 231 2.12 7.43 -23.96
C MET D 231 0.90 7.82 -23.17
N VAL D 232 0.92 9.01 -22.59
CA VAL D 232 -0.22 9.51 -21.81
C VAL D 232 -1.51 9.57 -22.63
N LYS D 233 -1.35 10.00 -23.88
CA LYS D 233 -2.48 10.40 -24.74
C LYS D 233 -3.16 9.24 -25.40
N MET D 234 -2.50 8.08 -25.49
CA MET D 234 -3.04 6.96 -26.22
C MET D 234 -4.31 6.40 -25.59
N GLN D 235 -5.09 5.66 -26.38
CA GLN D 235 -6.27 4.99 -25.85
C GLN D 235 -7.20 5.96 -25.11
N GLY D 236 -7.41 7.15 -25.61
CA GLY D 236 -8.34 8.08 -25.01
C GLY D 236 -7.84 8.82 -23.79
N GLY D 237 -6.52 8.87 -23.65
CA GLY D 237 -5.89 9.48 -22.50
C GLY D 237 -5.70 8.50 -21.38
N VAL D 238 -4.97 7.43 -21.66
CA VAL D 238 -4.86 6.29 -20.73
C VAL D 238 -4.35 6.70 -19.35
N PHE D 239 -3.43 7.66 -19.30
CA PHE D 239 -2.94 8.16 -18.01
C PHE D 239 -3.40 9.52 -17.61
N GLY D 240 -4.24 10.16 -18.44
CA GLY D 240 -4.68 11.52 -18.23
C GLY D 240 -4.60 12.32 -19.51
N SER D 241 -4.28 13.58 -19.39
CA SER D 241 -4.23 14.48 -20.55
C SER D 241 -2.99 15.32 -20.46
N VAL D 242 -2.65 15.98 -21.57
CA VAL D 242 -1.43 16.74 -21.72
C VAL D 242 -1.72 18.20 -22.16
N SER D 243 -1.09 19.16 -21.51
CA SER D 243 -1.24 20.54 -21.92
C SER D 243 0.12 21.26 -21.78
N ASN D 244 0.10 22.59 -21.68
CA ASN D 244 1.31 23.39 -21.57
C ASN D 244 1.08 24.54 -20.63
N SER D 245 2.16 25.17 -20.20
CA SER D 245 2.10 26.19 -19.18
C SER D 245 1.23 27.39 -19.62
N ALA D 246 1.35 27.79 -20.89
CA ALA D 246 0.55 28.93 -21.34
C ALA D 246 -0.92 28.67 -21.30
N ALA D 247 -1.35 27.49 -21.76
CA ALA D 247 -2.75 27.11 -21.75
C ALA D 247 -3.26 26.98 -20.34
N LEU D 248 -2.43 26.45 -19.43
CA LEU D 248 -2.85 26.35 -18.05
C LEU D 248 -3.06 27.72 -17.41
N VAL D 249 -2.07 28.58 -17.52
CA VAL D 249 -2.12 29.87 -16.83
C VAL D 249 -3.27 30.72 -17.39
N GLU D 250 -3.49 30.62 -18.70
CA GLU D 250 -4.56 31.39 -19.36
C GLU D 250 -5.96 31.03 -18.84
N ALA D 251 -6.21 29.74 -18.58
CA ALA D 251 -7.55 29.25 -18.28
C ALA D 251 -7.77 28.84 -16.83
N LEU D 252 -6.72 28.95 -16.00
CA LEU D 252 -6.83 28.48 -14.60
C LEU D 252 -7.86 29.34 -13.87
N PRO D 253 -8.89 28.74 -13.29
CA PRO D 253 -9.85 29.61 -12.54
C PRO D 253 -9.34 30.27 -11.23
C1 BTB E . 13.20 -8.33 -3.36
O1 BTB E . 14.15 -9.38 -3.12
C2 BTB E . 12.69 -7.85 -1.99
C3 BTB E . 13.79 -7.01 -1.34
O3 BTB E . 14.23 -5.97 -2.20
C4 BTB E . 11.54 -6.89 -2.32
O4 BTB E . 10.88 -6.56 -1.13
N BTB E . 12.34 -9.07 -1.20
C5 BTB E . 11.07 -9.65 -1.73
C6 BTB E . 10.86 -11.14 -1.44
O6 BTB E . 12.04 -11.86 -1.73
C7 BTB E . 12.08 -8.89 0.29
C8 BTB E . 13.20 -9.28 1.16
O8 BTB E . 13.97 -10.30 0.63
C1 GOL F . 4.96 -2.02 0.48
O1 GOL F . 4.23 -1.84 -0.79
C2 GOL F . 6.43 -1.54 0.43
O2 GOL F . 7.25 -2.37 -0.46
C3 GOL F . 6.48 -0.12 -0.13
O3 GOL F . 5.79 0.72 0.74
C1 BTB G . 7.53 -12.92 4.20
O1 BTB G . 6.50 -13.44 4.99
C2 BTB G . 8.24 -11.71 4.89
C3 BTB G . 7.21 -10.58 4.94
O3 BTB G . 6.99 -10.13 3.61
C4 BTB G . 8.65 -11.98 6.33
O4 BTB G . 9.61 -12.97 6.31
N BTB G . 9.53 -11.39 4.20
C5 BTB G . 9.43 -11.35 2.67
C6 BTB G . 10.29 -12.38 1.93
O6 BTB G . 11.01 -13.13 2.87
C7 BTB G . 9.98 -10.00 4.64
C8 BTB G . 11.45 -9.63 4.37
O8 BTB G . 12.19 -10.76 4.72
C1 BTB H . -10.26 11.08 4.03
O1 BTB H . -10.02 10.98 5.41
C2 BTB H . -10.97 9.83 3.53
C3 BTB H . -9.99 8.68 3.72
O3 BTB H . -9.04 8.74 2.66
C4 BTB H . -12.17 9.51 4.38
O4 BTB H . -13.08 10.56 4.20
N BTB H . -11.50 10.03 2.15
C5 BTB H . -12.05 8.74 1.59
C6 BTB H . -12.99 8.68 0.39
O6 BTB H . -14.09 9.52 0.67
C7 BTB H . -12.27 11.31 1.92
C8 BTB H . -11.65 12.27 0.90
O8 BTB H . -10.47 11.67 0.45
C1 GOL I . -2.89 4.48 1.24
O1 GOL I . -3.12 3.18 1.89
C2 GOL I . -2.97 5.64 2.26
O2 GOL I . -4.30 5.92 2.79
C3 GOL I . -2.04 5.25 3.45
O3 GOL I . -0.69 5.17 2.93
C1 BTB J . -11.12 9.01 -6.00
O1 BTB J . -10.81 8.58 -7.30
C2 BTB J . -9.91 9.87 -5.52
C3 BTB J . -8.68 8.98 -5.43
O3 BTB J . -8.79 8.15 -4.28
C4 BTB J . -9.53 10.95 -6.53
O4 BTB J . -10.64 11.84 -6.58
N BTB J . -10.21 10.59 -4.22
C5 BTB J . -10.88 9.74 -3.13
C6 BTB J . -12.31 10.13 -2.79
O6 BTB J . -12.93 11.02 -3.68
C7 BTB J . -9.01 11.23 -3.63
C8 BTB J . -9.31 12.25 -2.54
O8 BTB J . -10.02 13.31 -3.12
C1 GOL K . -4.99 1.35 -3.71
O1 GOL K . -4.79 0.08 -3.10
C2 GOL K . -5.47 2.38 -2.69
O2 GOL K . -5.78 3.59 -3.43
C3 GOL K . -4.37 2.57 -1.62
O3 GOL K . -3.01 2.73 -2.10
#